data_5VSB
#
_entry.id   5VSB
#
_cell.length_a   61.970
_cell.length_b   73.740
_cell.length_c   84.770
_cell.angle_alpha   90.000
_cell.angle_beta   91.430
_cell.angle_gamma   90.000
#
_symmetry.space_group_name_H-M   'P 1 21 1'
#
loop_
_entity.id
_entity.type
_entity.pdbx_description
1 polymer 'Ubiquitin carboxyl-terminal hydrolase 7'
2 non-polymer 7-chloro-3-{[4-hydroxy-1-(3-phenylpropanoyl)piperidin-4-yl]methyl}quinazolin-4(3H)-one
3 water water
#
_entity_poly.entity_id   1
_entity_poly.type   'polypeptide(L)'
_entity_poly.pdbx_seq_one_letter_code
;KKHTGYVGLKNQGATCYMNSLLQTLFFTNQLRKAVYMMPTEGDDSSKSVPLALQRVFYELQHSDKPVGTKKLTKSFGWET
LDSFMQHDVQELCRVLLDNVENKMKGTCVEGTIPKLFRGKMVSYIQCKEVDYRSDRREDYYDIQLSIKGKKNIFESFVDY
VAVEQLDGDNKYDAGEHGLQEAEKGVKFLTLPPVLHLQLMRFMYDPQTDQNIKINDRFEFPEQLPLDEFLQKTDPKDPAN
YILHAVLVHSGDNHGGHYVVYLNPKGDGKWCKFDDDVVSRCTKEEAIEHNYGGHDDDLSVRHCTNAYMLVYIRESKLSEV
LQAVTDHDIPQQLVERLQEEKRIEAQKRKERQE
;
_entity_poly.pdbx_strand_id   A,B
#
# COMPACT_ATOMS: atom_id res chain seq x y z
N THR A 4 -5.27 -24.73 -19.26
CA THR A 4 -5.44 -23.32 -18.93
C THR A 4 -6.66 -22.73 -19.63
N GLY A 5 -6.80 -23.06 -20.91
CA GLY A 5 -7.83 -22.47 -21.75
C GLY A 5 -7.43 -21.16 -22.40
N TYR A 6 -6.31 -20.58 -22.00
CA TYR A 6 -5.81 -19.33 -22.58
C TYR A 6 -4.68 -19.64 -23.56
N VAL A 7 -4.58 -18.82 -24.59
CA VAL A 7 -3.59 -18.99 -25.64
C VAL A 7 -2.50 -17.93 -25.47
N GLY A 8 -1.25 -18.31 -25.74
CA GLY A 8 -0.13 -17.42 -25.57
C GLY A 8 0.19 -16.64 -26.84
N LEU A 9 1.19 -15.78 -26.73
CA LEU A 9 1.64 -14.93 -27.81
C LEU A 9 2.98 -15.42 -28.35
N LYS A 10 3.13 -15.37 -29.68
CA LYS A 10 4.40 -15.77 -30.29
C LYS A 10 5.51 -14.81 -29.87
N ASN A 11 6.74 -15.32 -29.89
CA ASN A 11 7.93 -14.50 -29.69
C ASN A 11 8.54 -14.25 -31.06
N GLN A 12 8.14 -13.14 -31.70
CA GLN A 12 8.54 -12.83 -33.06
C GLN A 12 9.71 -11.86 -33.13
N GLY A 13 10.40 -11.63 -32.02
CA GLY A 13 11.56 -10.75 -32.04
C GLY A 13 11.85 -10.25 -30.64
N ALA A 14 12.61 -9.16 -30.59
CA ALA A 14 12.99 -8.52 -29.33
C ALA A 14 11.98 -7.45 -28.97
N THR A 15 10.75 -7.90 -28.70
CA THR A 15 9.69 -7.01 -28.26
C THR A 15 9.71 -6.75 -26.77
N CYS A 16 10.47 -7.54 -26.01
CA CYS A 16 10.70 -7.32 -24.57
C CYS A 16 9.37 -7.40 -23.84
N TYR A 17 8.89 -6.33 -23.22
CA TYR A 17 7.72 -6.36 -22.34
C TYR A 17 6.40 -6.31 -23.08
N MET A 18 6.39 -6.33 -24.41
CA MET A 18 5.15 -6.14 -25.14
C MET A 18 4.18 -7.28 -24.90
N ASN A 19 4.64 -8.52 -25.08
CA ASN A 19 3.76 -9.68 -24.90
C ASN A 19 3.11 -9.67 -23.52
N SER A 20 3.88 -9.32 -22.48
CA SER A 20 3.31 -9.23 -21.15
C SER A 20 2.23 -8.15 -21.08
N LEU A 21 2.49 -7.00 -21.69
CA LEU A 21 1.51 -5.92 -21.67
C LEU A 21 0.23 -6.32 -22.40
N LEU A 22 0.36 -6.97 -23.55
CA LEU A 22 -0.83 -7.35 -24.32
C LEU A 22 -1.70 -8.32 -23.53
N GLN A 23 -1.09 -9.31 -22.88
CA GLN A 23 -1.87 -10.24 -22.07
C GLN A 23 -2.56 -9.51 -20.92
N THR A 24 -1.86 -8.57 -20.29
CA THR A 24 -2.48 -7.80 -19.20
C THR A 24 -3.69 -7.02 -19.69
N LEU A 25 -3.58 -6.39 -20.86
CA LEU A 25 -4.68 -5.60 -21.39
C LEU A 25 -5.80 -6.50 -21.92
N PHE A 26 -5.43 -7.64 -22.51
CA PHE A 26 -6.45 -8.54 -23.06
C PHE A 26 -7.41 -9.00 -21.97
N PHE A 27 -6.91 -9.27 -20.77
CA PHE A 27 -7.74 -9.74 -19.68
C PHE A 27 -8.37 -8.60 -18.88
N THR A 28 -8.20 -7.35 -19.33
CA THR A 28 -9.02 -6.24 -18.86
C THR A 28 -10.31 -6.28 -19.68
N ASN A 29 -11.23 -7.15 -19.25
CA ASN A 29 -12.37 -7.51 -20.07
C ASN A 29 -13.16 -6.29 -20.53
N GLN A 30 -13.31 -5.29 -19.66
CA GLN A 30 -14.05 -4.09 -20.06
C GLN A 30 -13.31 -3.35 -21.16
N LEU A 31 -11.98 -3.36 -21.15
CA LEU A 31 -11.21 -2.74 -22.21
C LEU A 31 -11.30 -3.55 -23.50
N ARG A 32 -11.24 -4.87 -23.39
CA ARG A 32 -11.34 -5.71 -24.58
C ARG A 32 -12.67 -5.49 -25.30
N LYS A 33 -13.76 -5.44 -24.55
CA LYS A 33 -15.07 -5.18 -25.16
C LYS A 33 -15.09 -3.83 -25.86
N ALA A 34 -14.49 -2.81 -25.25
CA ALA A 34 -14.42 -1.49 -25.89
C ALA A 34 -13.62 -1.55 -27.18
N VAL A 35 -12.50 -2.28 -27.18
CA VAL A 35 -11.70 -2.42 -28.39
C VAL A 35 -12.51 -3.12 -29.48
N TYR A 36 -13.33 -4.10 -29.09
CA TYR A 36 -14.14 -4.82 -30.07
C TYR A 36 -15.18 -3.91 -30.73
N MET A 37 -15.66 -2.91 -30.00
CA MET A 37 -16.69 -2.01 -30.51
C MET A 37 -16.15 -0.87 -31.36
N MET A 38 -14.83 -0.74 -31.46
CA MET A 38 -14.26 0.37 -32.23
C MET A 38 -14.70 0.27 -33.68
N PRO A 39 -15.21 1.36 -34.28
CA PRO A 39 -15.61 1.31 -35.69
C PRO A 39 -14.41 1.45 -36.63
N THR A 40 -13.81 0.32 -37.01
CA THR A 40 -12.62 0.30 -37.83
C THR A 40 -12.88 -0.22 -39.24
N GLU A 41 -14.12 -0.15 -39.72
CA GLU A 41 -14.45 -0.70 -41.03
C GLU A 41 -13.64 -0.02 -42.13
N GLY A 42 -13.47 1.30 -42.05
CA GLY A 42 -12.74 2.03 -43.05
C GLY A 42 -11.24 2.13 -42.82
N ASP A 43 -10.76 1.67 -41.66
CA ASP A 43 -9.34 1.78 -41.36
C ASP A 43 -8.52 0.87 -42.27
N ASP A 44 -7.26 1.28 -42.48
CA ASP A 44 -6.33 0.48 -43.28
C ASP A 44 -5.79 -0.68 -42.46
N SER A 45 -5.65 -1.84 -43.12
CA SER A 45 -5.18 -3.02 -42.42
C SER A 45 -3.72 -2.85 -41.96
N SER A 46 -2.90 -2.15 -42.75
CA SER A 46 -1.49 -2.08 -42.46
C SER A 46 -1.15 -0.96 -41.48
N LYS A 47 -1.88 0.15 -41.51
CA LYS A 47 -1.52 1.34 -40.76
C LYS A 47 -2.38 1.57 -39.52
N SER A 48 -3.43 0.78 -39.32
CA SER A 48 -4.38 1.02 -38.24
C SER A 48 -3.94 0.23 -37.01
N VAL A 49 -3.45 0.94 -36.00
CA VAL A 49 -3.18 0.30 -34.70
C VAL A 49 -4.46 -0.22 -34.07
N PRO A 50 -5.56 0.54 -34.01
CA PRO A 50 -6.80 -0.02 -33.45
C PRO A 50 -7.24 -1.32 -34.12
N LEU A 51 -7.16 -1.38 -35.46
CA LEU A 51 -7.53 -2.61 -36.16
C LEU A 51 -6.58 -3.74 -35.82
N ALA A 52 -5.27 -3.47 -35.87
CA ALA A 52 -4.30 -4.50 -35.49
C ALA A 52 -4.51 -4.96 -34.06
N LEU A 53 -4.84 -4.03 -33.17
CA LEU A 53 -5.12 -4.40 -31.78
C LEU A 53 -6.38 -5.27 -31.69
N GLN A 54 -7.39 -4.95 -32.48
CA GLN A 54 -8.57 -5.81 -32.54
C GLN A 54 -8.21 -7.21 -33.01
N ARG A 55 -7.36 -7.31 -34.02
CA ARG A 55 -6.97 -8.62 -34.55
C ARG A 55 -6.27 -9.46 -33.49
N VAL A 56 -5.40 -8.83 -32.70
CA VAL A 56 -4.66 -9.56 -31.67
C VAL A 56 -5.62 -10.07 -30.60
N PHE A 57 -6.47 -9.19 -30.07
CA PHE A 57 -7.44 -9.62 -29.07
C PHE A 57 -8.36 -10.71 -29.61
N TYR A 58 -8.79 -10.56 -30.86
CA TYR A 58 -9.69 -11.55 -31.46
C TYR A 58 -9.01 -12.92 -31.53
N GLU A 59 -7.76 -12.96 -31.97
CA GLU A 59 -7.07 -14.24 -32.09
C GLU A 59 -6.79 -14.86 -30.72
N LEU A 60 -6.45 -14.03 -29.72
CA LEU A 60 -6.26 -14.55 -28.38
C LEU A 60 -7.52 -15.20 -27.84
N GLN A 61 -8.69 -14.72 -28.26
CA GLN A 61 -9.95 -15.23 -27.73
C GLN A 61 -10.46 -16.45 -28.47
N HIS A 62 -10.11 -16.62 -29.74
CA HIS A 62 -10.60 -17.72 -30.55
C HIS A 62 -9.54 -18.71 -30.99
N SER A 63 -8.29 -18.26 -31.19
CA SER A 63 -7.26 -19.12 -31.73
C SER A 63 -6.75 -20.10 -30.67
N ASP A 64 -6.49 -21.33 -31.10
CA ASP A 64 -5.90 -22.35 -30.24
C ASP A 64 -4.38 -22.42 -30.35
N LYS A 65 -3.77 -21.57 -31.17
CA LYS A 65 -2.34 -21.56 -31.39
C LYS A 65 -1.77 -20.18 -31.05
N PRO A 66 -0.46 -20.08 -30.85
CA PRO A 66 0.14 -18.79 -30.49
C PRO A 66 -0.22 -17.71 -31.50
N VAL A 67 -0.47 -16.51 -30.98
CA VAL A 67 -0.90 -15.37 -31.79
C VAL A 67 0.31 -14.49 -32.10
N GLY A 68 0.40 -14.01 -33.34
CA GLY A 68 1.49 -13.16 -33.75
C GLY A 68 1.19 -11.68 -33.54
N THR A 69 2.25 -10.89 -33.52
CA THR A 69 2.14 -9.46 -33.25
C THR A 69 2.96 -8.61 -34.22
N LYS A 70 3.34 -9.17 -35.38
CA LYS A 70 4.16 -8.42 -36.33
C LYS A 70 3.41 -7.21 -36.86
N LYS A 71 2.18 -7.41 -37.33
CA LYS A 71 1.41 -6.29 -37.88
C LYS A 71 1.07 -5.28 -36.79
N LEU A 72 0.95 -5.71 -35.54
CA LEU A 72 0.66 -4.77 -34.46
C LEU A 72 1.83 -3.84 -34.21
N THR A 73 3.02 -4.40 -34.00
CA THR A 73 4.21 -3.57 -33.85
C THR A 73 4.45 -2.71 -35.08
N LYS A 74 4.21 -3.26 -36.27
CA LYS A 74 4.39 -2.51 -37.50
C LYS A 74 3.42 -1.33 -37.59
N SER A 75 2.29 -1.41 -36.88
CA SER A 75 1.29 -0.35 -36.97
C SER A 75 1.77 0.92 -36.26
N PHE A 76 2.37 0.79 -35.09
CA PHE A 76 2.83 1.95 -34.33
C PHE A 76 4.34 2.16 -34.41
N GLY A 77 5.05 1.37 -35.21
CA GLY A 77 6.41 1.68 -35.58
C GLY A 77 7.51 1.15 -34.68
N TRP A 78 7.20 0.28 -33.73
CA TRP A 78 8.23 -0.32 -32.86
C TRP A 78 8.61 -1.67 -33.45
N GLU A 79 9.53 -1.64 -34.43
CA GLU A 79 9.93 -2.83 -35.16
C GLU A 79 11.37 -3.23 -34.91
N THR A 80 12.03 -2.61 -33.93
CA THR A 80 13.41 -2.95 -33.59
C THR A 80 13.54 -3.05 -32.07
N LEU A 81 14.47 -3.88 -31.62
CA LEU A 81 14.72 -4.01 -30.18
C LEU A 81 14.95 -2.65 -29.54
N ASP A 82 15.67 -1.76 -30.23
CA ASP A 82 15.91 -0.43 -29.69
C ASP A 82 14.60 0.23 -29.28
N SER A 83 13.63 0.27 -30.20
CA SER A 83 12.33 0.90 -29.96
C SER A 83 11.83 0.65 -28.54
N PHE A 84 12.03 -0.57 -28.05
CA PHE A 84 11.60 -0.90 -26.69
C PHE A 84 12.63 -0.48 -25.65
N MET A 85 13.91 -0.38 -26.03
CA MET A 85 14.92 0.11 -25.11
C MET A 85 14.74 1.59 -24.81
N GLN A 86 14.13 2.35 -25.73
CA GLN A 86 13.97 3.78 -25.52
C GLN A 86 12.91 4.10 -24.49
N HIS A 87 11.87 3.27 -24.38
CA HIS A 87 10.69 3.60 -23.59
C HIS A 87 10.52 2.63 -22.42
N ASP A 88 9.95 3.14 -21.34
CA ASP A 88 9.51 2.30 -20.24
C ASP A 88 8.19 1.62 -20.60
N VAL A 89 7.79 0.65 -19.76
CA VAL A 89 6.61 -0.14 -20.08
C VAL A 89 5.37 0.74 -20.13
N GLN A 90 5.27 1.72 -19.21
CA GLN A 90 4.07 2.56 -19.19
C GLN A 90 3.95 3.40 -20.46
N GLU A 91 5.08 3.85 -21.01
CA GLU A 91 5.03 4.64 -22.24
C GLU A 91 4.53 3.81 -23.42
N LEU A 92 4.81 2.51 -23.42
CA LEU A 92 4.23 1.64 -24.44
C LEU A 92 2.72 1.47 -24.21
N CYS A 93 2.31 1.30 -22.95
CA CYS A 93 0.89 1.21 -22.65
C CYS A 93 0.16 2.49 -23.05
N ARG A 94 0.83 3.63 -22.99
CA ARG A 94 0.20 4.89 -23.38
C ARG A 94 -0.07 4.92 -24.88
N VAL A 95 0.88 4.45 -25.69
CA VAL A 95 0.70 4.49 -27.14
C VAL A 95 -0.47 3.62 -27.55
N LEU A 96 -0.69 2.50 -26.87
CA LEU A 96 -1.80 1.62 -27.21
C LEU A 96 -3.12 2.19 -26.73
N LEU A 97 -3.17 2.67 -25.49
CA LEU A 97 -4.41 3.20 -24.95
C LEU A 97 -4.82 4.49 -25.66
N ASP A 98 -3.85 5.32 -26.04
CA ASP A 98 -4.17 6.56 -26.72
C ASP A 98 -4.64 6.33 -28.15
N ASN A 99 -4.10 5.30 -28.81
CA ASN A 99 -4.61 4.93 -30.13
C ASN A 99 -6.03 4.42 -30.04
N VAL A 100 -6.34 3.66 -28.97
CA VAL A 100 -7.69 3.15 -28.79
C VAL A 100 -8.65 4.27 -28.42
N GLU A 101 -8.20 5.20 -27.57
CA GLU A 101 -9.10 6.24 -27.08
C GLU A 101 -9.47 7.23 -28.17
N ASN A 102 -8.51 7.56 -29.04
CA ASN A 102 -8.80 8.51 -30.11
C ASN A 102 -9.85 7.95 -31.07
N LYS A 103 -9.74 6.66 -31.40
CA LYS A 103 -10.69 6.04 -32.31
C LYS A 103 -12.10 6.00 -31.73
N MET A 104 -12.20 6.00 -30.40
CA MET A 104 -13.50 5.98 -29.73
C MET A 104 -14.15 7.35 -29.65
N LYS A 105 -13.47 8.41 -30.10
CA LYS A 105 -14.06 9.74 -30.10
C LYS A 105 -15.35 9.74 -30.91
N GLY A 106 -16.30 10.58 -30.48
CA GLY A 106 -17.58 10.66 -31.17
C GLY A 106 -18.39 9.39 -31.11
N THR A 107 -18.33 8.68 -29.99
CA THR A 107 -19.08 7.44 -29.80
C THR A 107 -19.50 7.35 -28.34
N CYS A 108 -20.26 6.31 -28.02
CA CYS A 108 -20.70 6.12 -26.64
C CYS A 108 -19.54 5.67 -25.77
N VAL A 109 -18.63 4.88 -26.32
CA VAL A 109 -17.56 4.27 -25.55
C VAL A 109 -16.45 5.29 -25.32
N GLU A 110 -16.64 6.50 -25.86
CA GLU A 110 -15.66 7.55 -25.67
C GLU A 110 -15.46 7.81 -24.19
N GLY A 111 -14.22 8.10 -23.81
CA GLY A 111 -13.88 8.26 -22.42
C GLY A 111 -13.80 6.98 -21.63
N THR A 112 -13.91 5.81 -22.29
CA THR A 112 -13.83 4.54 -21.59
C THR A 112 -12.44 4.31 -21.02
N ILE A 113 -11.40 4.56 -21.84
CA ILE A 113 -10.03 4.43 -21.34
C ILE A 113 -9.78 5.35 -20.15
N PRO A 114 -10.12 6.64 -20.19
CA PRO A 114 -9.95 7.48 -19.00
C PRO A 114 -10.68 6.95 -17.79
N LYS A 115 -11.91 6.45 -17.96
CA LYS A 115 -12.65 5.92 -16.83
C LYS A 115 -11.93 4.74 -16.21
N LEU A 116 -11.34 3.87 -17.03
CA LEU A 116 -10.70 2.67 -16.52
C LEU A 116 -9.34 2.95 -15.90
N PHE A 117 -8.52 3.78 -16.55
CA PHE A 117 -7.11 3.91 -16.20
C PHE A 117 -6.73 5.24 -15.60
N ARG A 118 -7.48 6.31 -15.86
CA ARG A 118 -7.04 7.64 -15.47
C ARG A 118 -7.39 7.94 -14.02
N GLY A 119 -6.49 8.67 -13.34
CA GLY A 119 -6.74 9.15 -12.02
C GLY A 119 -6.50 10.65 -11.93
N LYS A 120 -6.94 11.23 -10.82
CA LYS A 120 -6.84 12.67 -10.58
C LYS A 120 -5.91 12.93 -9.41
N MET A 121 -4.96 13.85 -9.60
CA MET A 121 -4.08 14.29 -8.51
C MET A 121 -3.77 15.76 -8.72
N VAL A 122 -3.16 16.37 -7.71
CA VAL A 122 -2.84 17.79 -7.72
C VAL A 122 -1.44 17.98 -7.15
N SER A 123 -0.59 18.69 -7.88
CA SER A 123 0.73 19.09 -7.42
C SER A 123 0.63 20.52 -6.90
N TYR A 124 0.94 20.72 -5.62
CA TYR A 124 0.74 22.00 -4.96
C TYR A 124 2.06 22.55 -4.46
N ILE A 125 2.16 23.88 -4.47
CA ILE A 125 3.28 24.61 -3.88
C ILE A 125 2.69 25.67 -2.96
N GLN A 126 2.91 25.54 -1.67
CA GLN A 126 2.34 26.42 -0.66
C GLN A 126 3.44 27.24 0.00
N CYS A 127 3.33 28.56 -0.08
CA CYS A 127 4.30 29.43 0.57
C CYS A 127 4.06 29.45 2.08
N LYS A 128 5.14 29.69 2.83
CA LYS A 128 5.10 29.67 4.28
C LYS A 128 5.00 31.07 4.89
N GLU A 129 5.87 31.99 4.47
CA GLU A 129 5.85 33.33 5.03
C GLU A 129 4.66 34.13 4.51
N VAL A 130 4.33 33.98 3.23
CA VAL A 130 3.23 34.70 2.62
C VAL A 130 2.11 33.72 2.30
N ASP A 131 0.94 34.27 1.99
CA ASP A 131 -0.26 33.49 1.71
C ASP A 131 -0.43 33.42 0.19
N TYR A 132 0.14 32.38 -0.42
CA TYR A 132 -0.03 32.13 -1.84
C TYR A 132 0.15 30.64 -2.10
N ARG A 133 -0.81 30.04 -2.79
CA ARG A 133 -0.79 28.61 -3.07
C ARG A 133 -1.02 28.38 -4.55
N SER A 134 -0.16 27.55 -5.15
CA SER A 134 -0.25 27.20 -6.57
C SER A 134 -0.66 25.75 -6.69
N ASP A 135 -1.88 25.50 -7.14
CA ASP A 135 -2.38 24.15 -7.35
C ASP A 135 -2.38 23.83 -8.84
N ARG A 136 -1.78 22.70 -9.20
CA ARG A 136 -1.61 22.28 -10.58
C ARG A 136 -2.26 20.90 -10.74
N ARG A 137 -3.47 20.89 -11.28
CA ARG A 137 -4.21 19.64 -11.46
C ARG A 137 -3.65 18.86 -12.66
N GLU A 138 -3.53 17.55 -12.48
CA GLU A 138 -2.94 16.70 -13.51
C GLU A 138 -3.58 15.33 -13.47
N ASP A 139 -3.96 14.83 -14.64
CA ASP A 139 -4.43 13.45 -14.76
C ASP A 139 -3.23 12.51 -14.82
N TYR A 140 -3.45 11.27 -14.39
CA TYR A 140 -2.40 10.26 -14.42
C TYR A 140 -3.00 8.91 -14.77
N TYR A 141 -2.28 8.15 -15.58
CA TYR A 141 -2.69 6.81 -15.98
C TYR A 141 -1.81 5.72 -15.37
N ASP A 142 -0.77 6.09 -14.65
CA ASP A 142 0.11 5.13 -14.00
C ASP A 142 0.87 5.84 -12.88
N ILE A 143 1.47 5.05 -12.00
CA ILE A 143 2.23 5.55 -10.87
C ILE A 143 3.55 4.82 -10.82
N GLN A 144 4.65 5.57 -10.83
CA GLN A 144 5.99 5.01 -10.70
C GLN A 144 6.40 5.10 -9.24
N LEU A 145 6.52 3.94 -8.59
CA LEU A 145 6.81 3.85 -7.17
C LEU A 145 8.31 3.68 -6.94
N SER A 146 8.84 4.42 -5.97
CA SER A 146 10.23 4.25 -5.56
C SER A 146 10.34 3.08 -4.59
N ILE A 147 11.25 2.15 -4.89
CA ILE A 147 11.40 0.95 -4.09
C ILE A 147 12.65 0.97 -3.23
N LYS A 148 13.66 1.77 -3.56
CA LYS A 148 14.89 1.79 -2.79
C LYS A 148 14.62 2.24 -1.36
N GLY A 149 15.04 1.41 -0.40
CA GLY A 149 14.77 1.68 0.99
C GLY A 149 13.33 1.53 1.43
N LYS A 150 12.44 1.14 0.53
CA LYS A 150 11.02 0.98 0.83
C LYS A 150 10.68 -0.50 0.91
N LYS A 151 10.00 -0.88 1.99
CA LYS A 151 9.72 -2.29 2.22
C LYS A 151 8.64 -2.83 1.29
N ASN A 152 7.62 -2.03 1.02
CA ASN A 152 6.47 -2.51 0.26
C ASN A 152 5.73 -1.33 -0.35
N ILE A 153 4.61 -1.62 -1.01
CA ILE A 153 3.81 -0.58 -1.66
C ILE A 153 3.33 0.44 -0.63
N PHE A 154 2.91 -0.03 0.54
CA PHE A 154 2.42 0.88 1.57
C PHE A 154 3.47 1.93 1.91
N GLU A 155 4.72 1.50 2.09
CA GLU A 155 5.79 2.46 2.39
C GLU A 155 6.10 3.34 1.19
N SER A 156 5.96 2.81 -0.02
CA SER A 156 6.22 3.62 -1.22
C SER A 156 5.22 4.76 -1.33
N PHE A 157 3.95 4.50 -1.04
CA PHE A 157 2.94 5.55 -1.12
C PHE A 157 3.15 6.61 -0.05
N VAL A 158 3.60 6.21 1.14
CA VAL A 158 3.88 7.20 2.19
C VAL A 158 4.97 8.16 1.72
N ASP A 159 6.06 7.62 1.14
CA ASP A 159 7.10 8.48 0.60
C ASP A 159 6.61 9.27 -0.60
N TYR A 160 5.69 8.69 -1.39
CA TYR A 160 5.20 9.38 -2.58
C TYR A 160 4.50 10.68 -2.22
N VAL A 161 3.88 10.76 -1.04
CA VAL A 161 3.14 11.94 -0.61
C VAL A 161 3.95 12.80 0.35
N ALA A 162 5.24 12.52 0.52
CA ALA A 162 6.06 13.32 1.41
C ALA A 162 6.12 14.77 0.92
N VAL A 163 6.28 15.69 1.86
CA VAL A 163 6.27 17.12 1.59
C VAL A 163 7.71 17.60 1.42
N GLU A 164 8.01 18.16 0.26
CA GLU A 164 9.33 18.70 -0.03
C GLU A 164 9.42 20.14 0.42
N GLN A 165 10.58 20.51 0.98
CA GLN A 165 10.80 21.85 1.50
C GLN A 165 11.66 22.66 0.53
N LEU A 166 11.26 23.91 0.32
CA LEU A 166 12.00 24.84 -0.54
C LEU A 166 12.23 26.11 0.27
N ASP A 167 13.46 26.29 0.76
CA ASP A 167 13.74 27.41 1.67
C ASP A 167 15.16 27.94 1.52
N GLY A 168 16.06 27.15 0.96
CA GLY A 168 17.44 27.60 0.78
C GLY A 168 17.63 28.38 -0.50
N ASP A 169 18.77 28.17 -1.17
CA ASP A 169 18.94 28.75 -2.50
C ASP A 169 17.83 28.30 -3.44
N ASN A 170 17.25 27.14 -3.18
CA ASN A 170 16.12 26.62 -3.96
C ASN A 170 14.80 27.12 -3.37
N LYS A 171 14.66 28.44 -3.32
CA LYS A 171 13.41 29.05 -2.92
C LYS A 171 12.46 29.12 -4.12
N TYR A 172 11.16 29.08 -3.84
CA TYR A 172 10.18 29.07 -4.90
C TYR A 172 10.08 30.45 -5.54
N ASP A 173 10.27 30.50 -6.86
CA ASP A 173 10.14 31.74 -7.62
C ASP A 173 8.66 31.98 -7.89
N ALA A 174 7.99 32.64 -6.96
CA ALA A 174 6.58 32.96 -7.07
C ALA A 174 6.29 34.09 -8.05
N GLY A 175 7.22 34.36 -8.97
CA GLY A 175 7.03 35.43 -9.93
C GLY A 175 6.99 36.80 -9.29
N GLU A 176 5.79 37.37 -9.16
CA GLU A 176 5.66 38.68 -8.53
C GLU A 176 6.17 38.67 -7.10
N HIS A 177 5.86 37.62 -6.35
CA HIS A 177 6.33 37.49 -4.98
C HIS A 177 7.82 37.14 -4.90
N GLY A 178 8.48 36.91 -6.03
CA GLY A 178 9.90 36.61 -6.01
C GLY A 178 10.19 35.28 -5.32
N LEU A 179 11.21 35.30 -4.47
CA LEU A 179 11.62 34.11 -3.74
C LEU A 179 10.82 33.99 -2.45
N GLN A 180 10.26 32.81 -2.21
CA GLN A 180 9.44 32.59 -1.03
C GLN A 180 9.60 31.15 -0.57
N GLU A 181 9.89 30.97 0.72
CA GLU A 181 9.91 29.63 1.29
C GLU A 181 8.54 28.98 1.11
N ALA A 182 8.54 27.72 0.69
CA ALA A 182 7.30 27.04 0.36
C ALA A 182 7.45 25.55 0.58
N GLU A 183 6.33 24.84 0.46
CA GLU A 183 6.29 23.38 0.55
C GLU A 183 5.74 22.82 -0.75
N LYS A 184 6.37 21.76 -1.24
CA LYS A 184 5.96 21.10 -2.48
C LYS A 184 5.50 19.69 -2.16
N GLY A 185 4.34 19.32 -2.70
CA GLY A 185 3.78 18.01 -2.44
C GLY A 185 2.77 17.63 -3.50
N VAL A 186 2.29 16.39 -3.38
CA VAL A 186 1.30 15.83 -4.29
C VAL A 186 0.17 15.25 -3.47
N LYS A 187 -1.06 15.45 -3.92
CA LYS A 187 -2.24 14.94 -3.23
C LYS A 187 -3.10 14.15 -4.22
N PHE A 188 -3.49 12.94 -3.84
CA PHE A 188 -4.35 12.12 -4.66
C PHE A 188 -5.80 12.52 -4.46
N LEU A 189 -6.49 12.78 -5.57
CA LEU A 189 -7.92 13.08 -5.54
C LEU A 189 -8.79 11.87 -5.85
N THR A 190 -8.37 11.04 -6.80
CA THR A 190 -9.11 9.83 -7.14
C THR A 190 -8.12 8.75 -7.53
N LEU A 191 -8.58 7.50 -7.44
CA LEU A 191 -7.80 6.35 -7.87
C LEU A 191 -8.57 5.60 -8.95
N PRO A 192 -7.92 5.26 -10.06
CA PRO A 192 -8.64 4.65 -11.19
C PRO A 192 -9.11 3.25 -10.84
N PRO A 193 -10.18 2.76 -11.50
CA PRO A 193 -10.59 1.37 -11.26
C PRO A 193 -9.50 0.37 -11.53
N VAL A 194 -8.70 0.58 -12.58
CA VAL A 194 -7.56 -0.26 -12.90
C VAL A 194 -6.31 0.54 -12.59
N LEU A 195 -5.54 0.08 -11.61
CA LEU A 195 -4.36 0.80 -11.11
C LEU A 195 -3.10 0.15 -11.66
N HIS A 196 -2.35 0.90 -12.49
CA HIS A 196 -1.09 0.44 -13.03
C HIS A 196 0.05 1.01 -12.20
N LEU A 197 0.87 0.14 -11.63
CA LEU A 197 1.99 0.52 -10.79
C LEU A 197 3.27 -0.01 -11.39
N GLN A 198 4.24 0.87 -11.62
CA GLN A 198 5.56 0.51 -12.10
C GLN A 198 6.58 0.69 -10.98
N LEU A 199 7.47 -0.28 -10.83
CA LEU A 199 8.54 -0.24 -9.85
C LEU A 199 9.80 0.27 -10.50
N MET A 200 10.46 1.24 -9.86
CA MET A 200 11.65 1.89 -10.42
C MET A 200 12.87 1.02 -10.13
N ARG A 201 13.06 0.00 -10.97
CA ARG A 201 14.18 -0.91 -10.83
C ARG A 201 15.32 -0.61 -11.79
N PHE A 202 15.10 0.26 -12.79
CA PHE A 202 16.15 0.65 -13.71
C PHE A 202 16.81 1.92 -13.20
N MET A 203 18.13 1.87 -13.00
CA MET A 203 18.86 2.93 -12.34
C MET A 203 20.10 3.32 -13.13
N TYR A 204 20.64 4.48 -12.76
CA TYR A 204 21.83 5.09 -13.34
C TYR A 204 22.41 5.90 -12.19
N ASP A 205 23.67 5.77 -11.79
CA ASP A 205 24.77 4.96 -12.37
C ASP A 205 25.62 5.84 -13.29
N PRO A 206 26.21 6.90 -12.73
CA PRO A 206 27.03 7.81 -13.52
C PRO A 206 28.45 7.28 -13.74
N GLN A 207 28.96 6.53 -12.77
CA GLN A 207 30.33 6.03 -12.87
C GLN A 207 30.54 5.22 -14.14
N THR A 208 29.69 4.22 -14.36
CA THR A 208 29.77 3.41 -15.57
C THR A 208 28.94 3.98 -16.72
N ASP A 209 28.10 4.98 -16.44
CA ASP A 209 27.30 5.64 -17.48
C ASP A 209 26.40 4.64 -18.22
N GLN A 210 25.80 3.72 -17.46
CA GLN A 210 24.86 2.76 -18.00
C GLN A 210 23.69 2.61 -17.04
N ASN A 211 22.59 2.08 -17.56
CA ASN A 211 21.41 1.82 -16.74
C ASN A 211 21.53 0.45 -16.10
N ILE A 212 21.29 0.38 -14.79
CA ILE A 212 21.42 -0.85 -14.02
C ILE A 212 20.08 -1.16 -13.37
N LYS A 213 19.74 -2.45 -13.32
CA LYS A 213 18.55 -2.91 -12.63
C LYS A 213 18.90 -3.30 -11.20
N ILE A 214 18.18 -2.72 -10.24
CA ILE A 214 18.36 -3.06 -8.84
C ILE A 214 17.37 -4.17 -8.48
N ASN A 215 17.88 -5.22 -7.85
CA ASN A 215 17.06 -6.37 -7.48
C ASN A 215 16.65 -6.35 -6.00
N ASP A 216 16.54 -5.15 -5.42
CA ASP A 216 16.10 -5.04 -4.03
C ASP A 216 14.75 -5.71 -3.84
N ARG A 217 14.53 -6.25 -2.65
CA ARG A 217 13.28 -6.92 -2.35
C ARG A 217 12.18 -5.89 -2.11
N PHE A 218 11.04 -6.08 -2.78
CA PHE A 218 9.90 -5.17 -2.66
C PHE A 218 8.63 -6.00 -2.62
N GLU A 219 7.91 -5.92 -1.51
CA GLU A 219 6.72 -6.74 -1.30
C GLU A 219 5.46 -6.00 -1.74
N PHE A 220 4.52 -6.74 -2.31
CA PHE A 220 3.23 -6.20 -2.74
C PHE A 220 2.15 -7.20 -2.33
N PRO A 221 1.05 -6.73 -1.74
CA PRO A 221 0.01 -7.63 -1.27
C PRO A 221 -1.04 -7.93 -2.33
N GLU A 222 -1.80 -9.00 -2.07
CA GLU A 222 -2.91 -9.33 -2.95
C GLU A 222 -4.08 -8.37 -2.76
N GLN A 223 -4.21 -7.80 -1.57
CA GLN A 223 -5.24 -6.81 -1.26
C GLN A 223 -4.55 -5.51 -0.84
N LEU A 224 -4.84 -4.43 -1.56
CA LEU A 224 -4.16 -3.16 -1.34
C LEU A 224 -5.16 -2.09 -0.90
N PRO A 225 -5.11 -1.63 0.35
CA PRO A 225 -5.98 -0.51 0.76
C PRO A 225 -5.30 0.83 0.54
N LEU A 226 -5.99 1.75 -0.16
CA LEU A 226 -5.42 3.05 -0.48
C LEU A 226 -6.35 4.20 -0.08
N ASP A 227 -7.28 3.97 0.85
CA ASP A 227 -8.20 5.03 1.25
C ASP A 227 -7.47 6.13 2.02
N GLU A 228 -6.46 5.77 2.82
CA GLU A 228 -5.78 6.75 3.64
C GLU A 228 -5.02 7.78 2.80
N PHE A 229 -4.75 7.47 1.53
CA PHE A 229 -4.00 8.37 0.66
C PHE A 229 -4.89 9.28 -0.18
N LEU A 230 -6.18 9.03 -0.23
CA LEU A 230 -7.10 9.89 -0.96
C LEU A 230 -7.41 11.15 -0.17
N GLN A 231 -7.56 12.26 -0.89
CA GLN A 231 -7.88 13.53 -0.22
C GLN A 231 -9.29 13.49 0.35
N LYS A 232 -10.24 12.92 -0.39
CA LYS A 232 -11.61 12.75 0.07
C LYS A 232 -12.03 11.31 -0.18
N THR A 233 -12.50 10.64 0.87
CA THR A 233 -12.95 9.27 0.76
C THR A 233 -14.41 9.21 0.39
N ASP A 234 -14.78 8.17 -0.35
CA ASP A 234 -16.15 7.97 -0.82
C ASP A 234 -16.72 6.70 -0.21
N PRO A 235 -17.56 6.80 0.81
CA PRO A 235 -18.24 5.61 1.33
C PRO A 235 -18.99 4.89 0.20
N LYS A 236 -19.07 3.56 0.33
CA LYS A 236 -19.72 2.71 -0.66
C LYS A 236 -18.78 2.40 -1.82
N ASP A 237 -17.69 3.16 -1.95
CA ASP A 237 -16.67 2.93 -2.97
C ASP A 237 -15.30 3.00 -2.32
N PRO A 238 -14.99 2.04 -1.45
CA PRO A 238 -13.68 2.06 -0.78
C PRO A 238 -12.55 1.82 -1.78
N ALA A 239 -11.40 2.45 -1.49
CA ALA A 239 -10.22 2.33 -2.34
C ALA A 239 -9.42 1.08 -1.98
N ASN A 240 -10.10 -0.06 -2.02
CA ASN A 240 -9.49 -1.36 -1.79
C ASN A 240 -9.29 -2.05 -3.13
N TYR A 241 -8.04 -2.42 -3.42
CA TYR A 241 -7.66 -2.97 -4.70
C TYR A 241 -7.22 -4.42 -4.57
N ILE A 242 -7.42 -5.18 -5.63
CA ILE A 242 -7.07 -6.60 -5.69
C ILE A 242 -6.04 -6.79 -6.79
N LEU A 243 -4.91 -7.40 -6.45
CA LEU A 243 -3.88 -7.67 -7.45
C LEU A 243 -4.46 -8.49 -8.59
N HIS A 244 -4.10 -8.12 -9.82
CA HIS A 244 -4.59 -8.81 -11.00
C HIS A 244 -3.49 -9.35 -11.89
N ALA A 245 -2.37 -8.65 -12.00
CA ALA A 245 -1.28 -9.10 -12.87
C ALA A 245 0.05 -8.71 -12.23
N VAL A 246 1.07 -9.53 -12.51
CA VAL A 246 2.42 -9.29 -12.02
C VAL A 246 3.37 -9.48 -13.20
N LEU A 247 3.90 -8.38 -13.72
CA LEU A 247 4.87 -8.43 -14.82
C LEU A 247 6.27 -8.54 -14.25
N VAL A 248 7.02 -9.56 -14.69
CA VAL A 248 8.32 -9.88 -14.13
C VAL A 248 9.36 -9.88 -15.25
N HIS A 249 10.62 -9.71 -14.85
CA HIS A 249 11.74 -9.69 -15.78
C HIS A 249 12.96 -10.31 -15.12
N SER A 250 13.77 -10.99 -15.92
CA SER A 250 15.00 -11.62 -15.47
C SER A 250 16.15 -11.20 -16.36
N GLY A 251 17.33 -11.01 -15.75
CA GLY A 251 18.53 -10.66 -16.47
C GLY A 251 19.03 -9.25 -16.24
N ASP A 252 18.19 -8.37 -15.71
CA ASP A 252 18.59 -6.99 -15.45
C ASP A 252 19.07 -6.29 -16.72
N ASN A 253 18.40 -6.57 -17.82
CA ASN A 253 18.79 -6.04 -19.13
C ASN A 253 17.64 -6.26 -20.11
N HIS A 254 17.63 -5.45 -21.16
CA HIS A 254 16.62 -5.62 -22.21
C HIS A 254 16.72 -6.98 -22.87
N GLY A 255 17.90 -7.57 -22.91
CA GLY A 255 18.07 -8.90 -23.45
C GLY A 255 17.64 -10.02 -22.54
N GLY A 256 16.95 -9.71 -21.44
CA GLY A 256 16.56 -10.70 -20.47
C GLY A 256 15.27 -11.41 -20.85
N HIS A 257 14.65 -12.02 -19.84
CA HIS A 257 13.45 -12.82 -20.00
C HIS A 257 12.26 -12.07 -19.43
N TYR A 258 11.15 -12.05 -20.18
CA TYR A 258 9.94 -11.34 -19.78
C TYR A 258 8.79 -12.34 -19.65
N VAL A 259 8.06 -12.25 -18.54
CA VAL A 259 6.87 -13.08 -18.31
C VAL A 259 5.88 -12.26 -17.50
N VAL A 260 4.62 -12.69 -17.54
CA VAL A 260 3.55 -12.01 -16.83
C VAL A 260 2.69 -13.06 -16.12
N TYR A 261 2.37 -12.81 -14.86
CA TYR A 261 1.48 -13.65 -14.09
C TYR A 261 0.12 -12.99 -13.96
N LEU A 262 -0.94 -13.80 -14.05
CA LEU A 262 -2.29 -13.27 -14.06
C LEU A 262 -3.26 -14.27 -13.45
N ASN A 263 -4.21 -13.76 -12.67
CA ASN A 263 -5.42 -14.49 -12.35
C ASN A 263 -6.57 -13.79 -13.09
N PRO A 264 -6.76 -14.11 -14.37
CA PRO A 264 -7.67 -13.30 -15.21
C PRO A 264 -9.04 -13.07 -14.59
N LYS A 265 -9.57 -14.04 -13.84
CA LYS A 265 -10.90 -13.90 -13.24
C LYS A 265 -10.87 -13.26 -11.87
N GLY A 266 -9.71 -12.81 -11.39
CA GLY A 266 -9.63 -12.26 -10.06
C GLY A 266 -10.14 -13.17 -8.97
N ASP A 267 -10.12 -14.48 -9.21
CA ASP A 267 -10.61 -15.47 -8.27
C ASP A 267 -9.50 -16.15 -7.48
N GLY A 268 -8.26 -15.68 -7.61
CA GLY A 268 -7.13 -16.29 -6.94
C GLY A 268 -6.47 -17.41 -7.71
N LYS A 269 -7.05 -17.86 -8.82
CA LYS A 269 -6.45 -18.89 -9.66
C LYS A 269 -5.49 -18.22 -10.63
N TRP A 270 -4.19 -18.44 -10.42
CA TRP A 270 -3.14 -17.74 -11.16
C TRP A 270 -2.66 -18.58 -12.33
N CYS A 271 -2.20 -17.89 -13.37
CA CYS A 271 -1.60 -18.51 -14.54
C CYS A 271 -0.32 -17.78 -14.91
N LYS A 272 0.61 -18.51 -15.51
CA LYS A 272 1.88 -17.97 -15.96
C LYS A 272 1.86 -17.89 -17.48
N PHE A 273 2.11 -16.68 -18.01
CA PHE A 273 2.17 -16.44 -19.45
C PHE A 273 3.62 -16.19 -19.83
N ASP A 274 4.22 -17.15 -20.53
CA ASP A 274 5.61 -17.06 -20.98
C ASP A 274 5.62 -17.24 -22.49
N ASP A 275 5.27 -16.17 -23.21
CA ASP A 275 5.18 -16.18 -24.67
C ASP A 275 4.12 -17.19 -25.07
N ASP A 276 4.43 -18.21 -25.87
CA ASP A 276 3.44 -19.17 -26.33
C ASP A 276 3.02 -20.16 -25.27
N VAL A 277 3.73 -20.24 -24.14
CA VAL A 277 3.46 -21.21 -23.09
C VAL A 277 2.63 -20.54 -22.01
N VAL A 278 1.44 -21.09 -21.77
CA VAL A 278 0.56 -20.65 -20.68
C VAL A 278 0.32 -21.85 -19.78
N SER A 279 0.69 -21.71 -18.50
CA SER A 279 0.61 -22.82 -17.57
C SER A 279 0.07 -22.34 -16.23
N ARG A 280 -0.66 -23.23 -15.55
CA ARG A 280 -1.14 -22.94 -14.21
C ARG A 280 0.03 -22.79 -13.25
N CYS A 281 -0.18 -21.97 -12.22
CA CYS A 281 0.84 -21.74 -11.21
C CYS A 281 0.18 -21.37 -9.90
N THR A 282 0.96 -21.45 -8.83
CA THR A 282 0.47 -21.15 -7.49
C THR A 282 0.58 -19.65 -7.21
N LYS A 283 -0.12 -19.22 -6.15
CA LYS A 283 0.01 -17.83 -5.71
C LYS A 283 1.44 -17.52 -5.29
N GLU A 284 2.16 -18.52 -4.76
CA GLU A 284 3.54 -18.29 -4.35
C GLU A 284 4.43 -17.98 -5.54
N GLU A 285 4.27 -18.71 -6.64
CA GLU A 285 5.08 -18.47 -7.82
C GLU A 285 4.79 -17.11 -8.43
N ALA A 286 3.55 -16.63 -8.31
CA ALA A 286 3.18 -15.39 -8.97
C ALA A 286 3.46 -14.17 -8.10
N ILE A 287 3.45 -14.32 -6.78
CA ILE A 287 3.55 -13.19 -5.87
C ILE A 287 4.86 -13.24 -5.08
N GLU A 288 4.94 -14.16 -4.13
CA GLU A 288 6.07 -14.17 -3.21
C GLU A 288 7.39 -14.36 -3.95
N HIS A 289 7.42 -15.23 -4.96
CA HIS A 289 8.64 -15.50 -5.70
C HIS A 289 9.10 -14.33 -6.55
N ASN A 290 8.33 -13.25 -6.61
CA ASN A 290 8.69 -12.08 -7.41
C ASN A 290 9.01 -10.85 -6.55
N TYR A 291 9.15 -11.04 -5.24
CA TYR A 291 9.52 -9.91 -4.38
C TYR A 291 10.97 -9.51 -4.56
N GLY A 292 11.83 -10.46 -4.94
CA GLY A 292 13.24 -10.17 -5.09
C GLY A 292 13.97 -10.21 -3.76
N GLY A 293 15.17 -9.64 -3.76
CA GLY A 293 15.99 -9.59 -2.57
C GLY A 293 17.28 -10.38 -2.68
N CYS A 303 17.60 -13.41 -10.33
CA CYS A 303 17.37 -11.99 -10.62
C CYS A 303 16.00 -11.79 -11.26
N THR A 304 15.03 -12.55 -10.80
CA THR A 304 13.67 -12.52 -11.33
C THR A 304 12.77 -11.85 -10.29
N ASN A 305 12.25 -10.67 -10.63
CA ASN A 305 11.39 -9.92 -9.75
C ASN A 305 10.42 -9.08 -10.58
N ALA A 306 9.40 -8.55 -9.91
CA ALA A 306 8.36 -7.81 -10.60
C ALA A 306 8.79 -6.36 -10.85
N TYR A 307 8.40 -5.83 -12.01
CA TYR A 307 8.64 -4.44 -12.35
C TYR A 307 7.36 -3.64 -12.57
N MET A 308 6.22 -4.30 -12.75
CA MET A 308 4.94 -3.62 -12.92
C MET A 308 3.84 -4.46 -12.31
N LEU A 309 2.91 -3.81 -11.64
CA LEU A 309 1.80 -4.48 -10.96
C LEU A 309 0.49 -3.84 -11.40
N VAL A 310 -0.55 -4.66 -11.51
CA VAL A 310 -1.88 -4.21 -11.92
C VAL A 310 -2.86 -4.56 -10.82
N TYR A 311 -3.51 -3.56 -10.26
CA TYR A 311 -4.54 -3.73 -9.25
C TYR A 311 -5.88 -3.23 -9.80
N ILE A 312 -6.96 -3.88 -9.38
CA ILE A 312 -8.30 -3.53 -9.80
C ILE A 312 -9.13 -3.19 -8.56
N ARG A 313 -9.84 -2.08 -8.61
CA ARG A 313 -10.70 -1.69 -7.51
C ARG A 313 -11.73 -2.79 -7.23
N GLU A 314 -11.84 -3.19 -5.96
CA GLU A 314 -12.71 -4.31 -5.63
C GLU A 314 -14.16 -4.05 -5.99
N SER A 315 -14.62 -2.80 -5.82
CA SER A 315 -16.01 -2.48 -6.12
C SER A 315 -16.29 -2.58 -7.61
N LYS A 316 -15.28 -2.39 -8.45
CA LYS A 316 -15.44 -2.43 -9.90
C LYS A 316 -14.99 -3.74 -10.50
N LEU A 317 -14.75 -4.77 -9.68
CA LEU A 317 -14.17 -6.01 -10.19
C LEU A 317 -15.14 -6.76 -11.09
N SER A 318 -16.43 -6.74 -10.75
CA SER A 318 -17.42 -7.43 -11.58
C SER A 318 -17.56 -6.76 -12.95
N GLU A 319 -17.49 -5.43 -12.99
CA GLU A 319 -17.65 -4.72 -14.25
C GLU A 319 -16.38 -4.79 -15.09
N VAL A 320 -15.21 -4.60 -14.47
CA VAL A 320 -13.96 -4.62 -15.22
C VAL A 320 -13.68 -6.01 -15.79
N LEU A 321 -13.97 -7.05 -15.02
CA LEU A 321 -13.72 -8.43 -15.43
C LEU A 321 -14.99 -9.13 -15.90
N GLN A 322 -15.97 -8.38 -16.40
CA GLN A 322 -17.19 -8.97 -16.91
C GLN A 322 -16.87 -9.95 -18.04
N ALA A 323 -17.61 -11.05 -18.09
CA ALA A 323 -17.38 -12.06 -19.11
C ALA A 323 -17.61 -11.48 -20.50
N VAL A 324 -16.71 -11.82 -21.42
CA VAL A 324 -16.81 -11.41 -22.82
C VAL A 324 -17.08 -12.65 -23.65
N THR A 325 -18.19 -12.63 -24.39
CA THR A 325 -18.59 -13.76 -25.22
C THR A 325 -18.52 -13.36 -26.69
N ASP A 326 -18.70 -14.37 -27.56
CA ASP A 326 -18.69 -14.11 -28.99
C ASP A 326 -19.71 -13.06 -29.39
N HIS A 327 -20.81 -12.95 -28.62
CA HIS A 327 -21.83 -11.96 -28.93
C HIS A 327 -21.33 -10.53 -28.82
N ASP A 328 -20.23 -10.32 -28.09
CA ASP A 328 -19.68 -8.97 -27.89
C ASP A 328 -18.78 -8.52 -29.03
N ILE A 329 -18.57 -9.36 -30.03
CA ILE A 329 -17.71 -9.03 -31.17
C ILE A 329 -18.62 -8.70 -32.36
N PRO A 330 -18.55 -7.49 -32.93
CA PRO A 330 -19.42 -7.15 -34.05
C PRO A 330 -19.22 -8.10 -35.22
N GLN A 331 -20.31 -8.41 -35.91
CA GLN A 331 -20.23 -9.29 -37.07
C GLN A 331 -19.33 -8.70 -38.16
N GLN A 332 -19.35 -7.37 -38.31
CA GLN A 332 -18.49 -6.74 -39.30
C GLN A 332 -17.02 -7.01 -39.01
N LEU A 333 -16.63 -6.92 -37.74
CA LEU A 333 -15.25 -7.24 -37.37
C LEU A 333 -14.93 -8.71 -37.65
N VAL A 334 -15.85 -9.60 -37.31
CA VAL A 334 -15.62 -11.03 -37.52
C VAL A 334 -15.50 -11.34 -39.01
N GLU A 335 -16.44 -10.82 -39.81
CA GLU A 335 -16.41 -11.08 -41.24
C GLU A 335 -15.11 -10.61 -41.87
N ARG A 336 -14.62 -9.44 -41.45
CA ARG A 336 -13.38 -8.91 -42.02
C ARG A 336 -12.19 -9.78 -41.64
N LEU A 337 -12.04 -10.09 -40.35
CA LEU A 337 -10.93 -10.92 -39.90
C LEU A 337 -10.97 -12.30 -40.56
N GLN A 338 -12.14 -12.93 -40.58
CA GLN A 338 -12.26 -14.23 -41.23
C GLN A 338 -12.01 -14.11 -42.73
N GLU A 339 -12.48 -13.03 -43.35
CA GLU A 339 -12.12 -12.76 -44.74
C GLU A 339 -10.61 -12.72 -44.91
N GLU A 340 -9.90 -12.15 -43.93
CA GLU A 340 -8.45 -12.09 -44.01
C GLU A 340 -7.83 -13.48 -44.06
N LYS A 341 -8.38 -14.42 -43.30
CA LYS A 341 -7.82 -15.77 -43.28
C LYS A 341 -7.94 -16.44 -44.64
N ARG A 342 -9.09 -16.28 -45.30
CA ARG A 342 -9.27 -16.90 -46.60
C ARG A 342 -8.15 -16.51 -47.57
N ILE A 343 -7.77 -15.23 -47.56
CA ILE A 343 -6.64 -14.79 -48.37
C ILE A 343 -5.37 -15.51 -47.93
N GLU A 344 -5.09 -15.48 -46.62
CA GLU A 344 -3.87 -16.11 -46.11
C GLU A 344 -4.02 -17.63 -46.09
N ALA A 345 -5.20 -18.14 -45.76
CA ALA A 345 -5.44 -19.58 -45.81
C ALA A 345 -5.29 -20.13 -47.21
N GLN A 346 -5.11 -19.27 -48.20
CA GLN A 346 -4.77 -19.69 -49.56
C GLN A 346 -3.32 -20.18 -49.54
N LYS A 347 -3.14 -21.39 -49.03
CA LYS A 347 -1.81 -21.96 -48.84
C LYS A 347 -1.84 -23.49 -48.90
N LYS B 1 -7.24 -13.93 39.97
CA LYS B 1 -6.39 -13.57 38.84
C LYS B 1 -7.13 -13.79 37.51
N LYS B 2 -8.08 -14.72 37.52
CA LYS B 2 -8.87 -15.05 36.34
C LYS B 2 -10.10 -14.16 36.18
N HIS B 3 -10.41 -13.34 37.17
CA HIS B 3 -11.55 -12.42 37.13
C HIS B 3 -11.01 -11.00 37.22
N THR B 4 -10.88 -10.33 36.07
CA THR B 4 -10.32 -8.99 36.01
C THR B 4 -11.34 -7.91 35.69
N GLY B 5 -12.57 -8.28 35.32
CA GLY B 5 -13.55 -7.31 34.89
C GLY B 5 -13.45 -6.91 33.43
N TYR B 6 -12.43 -7.39 32.72
CA TYR B 6 -12.27 -7.11 31.30
C TYR B 6 -12.62 -8.35 30.49
N VAL B 7 -13.12 -8.12 29.28
CA VAL B 7 -13.52 -9.20 28.38
C VAL B 7 -12.51 -9.32 27.26
N GLY B 8 -12.43 -10.53 26.69
CA GLY B 8 -11.51 -10.81 25.61
C GLY B 8 -12.23 -11.00 24.29
N LEU B 9 -11.42 -11.13 23.24
CA LEU B 9 -11.92 -11.32 21.88
C LEU B 9 -11.76 -12.77 21.46
N LYS B 10 -12.80 -13.33 20.87
CA LYS B 10 -12.77 -14.74 20.49
C LYS B 10 -11.67 -15.00 19.48
N ASN B 11 -11.17 -16.24 19.47
CA ASN B 11 -10.16 -16.68 18.50
C ASN B 11 -10.86 -17.13 17.23
N GLN B 12 -11.35 -16.15 16.47
CA GLN B 12 -12.10 -16.46 15.25
C GLN B 12 -11.27 -17.30 14.28
N GLY B 13 -9.99 -16.96 14.13
CA GLY B 13 -9.12 -17.70 13.24
C GLY B 13 -7.76 -17.07 13.07
N ALA B 14 -7.32 -16.91 11.83
CA ALA B 14 -5.99 -16.37 11.54
C ALA B 14 -6.05 -14.86 11.28
N THR B 15 -6.64 -14.12 12.21
CA THR B 15 -6.60 -12.67 12.17
C THR B 15 -5.29 -12.11 12.74
N CYS B 16 -4.43 -12.97 13.28
CA CYS B 16 -3.08 -12.60 13.70
C CYS B 16 -3.16 -11.50 14.74
N TYR B 17 -2.62 -10.31 14.47
CA TYR B 17 -2.47 -9.24 15.45
C TYR B 17 -3.74 -8.41 15.63
N MET B 18 -4.84 -8.76 14.97
CA MET B 18 -6.02 -7.91 15.01
C MET B 18 -6.56 -7.77 16.43
N ASN B 19 -6.76 -8.89 17.12
CA ASN B 19 -7.32 -8.83 18.46
C ASN B 19 -6.41 -8.04 19.41
N SER B 20 -5.10 -8.19 19.27
CA SER B 20 -4.17 -7.44 20.10
C SER B 20 -4.29 -5.94 19.83
N LEU B 21 -4.40 -5.57 18.55
CA LEU B 21 -4.56 -4.15 18.20
C LEU B 21 -5.88 -3.60 18.73
N LEU B 22 -6.95 -4.36 18.56
CA LEU B 22 -8.27 -3.89 18.99
C LEU B 22 -8.29 -3.58 20.48
N GLN B 23 -7.78 -4.51 21.29
CA GLN B 23 -7.68 -4.23 22.73
C GLN B 23 -6.87 -2.97 22.99
N THR B 24 -5.79 -2.77 22.23
CA THR B 24 -5.01 -1.55 22.36
C THR B 24 -5.87 -0.31 22.16
N LEU B 25 -6.57 -0.24 21.03
CA LEU B 25 -7.39 0.93 20.74
C LEU B 25 -8.57 1.04 21.69
N PHE B 26 -9.14 -0.08 22.11
CA PHE B 26 -10.27 -0.03 23.03
C PHE B 26 -9.89 0.68 24.33
N PHE B 27 -8.69 0.42 24.84
CA PHE B 27 -8.23 1.02 26.09
C PHE B 27 -7.58 2.39 25.88
N THR B 28 -7.51 2.87 24.64
CA THR B 28 -7.24 4.28 24.38
C THR B 28 -8.56 5.03 24.55
N ASN B 29 -8.89 5.29 25.82
CA ASN B 29 -10.25 5.71 26.16
C ASN B 29 -10.68 6.94 25.37
N GLN B 30 -9.81 7.92 25.21
CA GLN B 30 -10.18 9.12 24.47
C GLN B 30 -10.57 8.76 23.03
N LEU B 31 -9.90 7.76 22.45
CA LEU B 31 -10.30 7.29 21.12
C LEU B 31 -11.62 6.55 21.16
N ARG B 32 -11.82 5.70 22.18
CA ARG B 32 -13.06 4.96 22.28
C ARG B 32 -14.26 5.89 22.36
N LYS B 33 -14.16 6.94 23.17
CA LYS B 33 -15.26 7.91 23.26
C LYS B 33 -15.57 8.52 21.91
N ALA B 34 -14.54 8.89 21.15
CA ALA B 34 -14.76 9.49 19.84
C ALA B 34 -15.45 8.51 18.90
N VAL B 35 -15.13 7.22 19.00
CA VAL B 35 -15.76 6.23 18.13
C VAL B 35 -17.25 6.11 18.44
N TYR B 36 -17.62 6.25 19.72
CA TYR B 36 -19.03 6.15 20.09
C TYR B 36 -19.84 7.31 19.52
N MET B 37 -19.21 8.47 19.29
CA MET B 37 -19.92 9.66 18.83
C MET B 37 -20.09 9.71 17.32
N MET B 38 -19.42 8.83 16.57
CA MET B 38 -19.50 8.89 15.12
C MET B 38 -20.95 8.73 14.66
N PRO B 39 -21.43 9.57 13.75
CA PRO B 39 -22.79 9.40 13.23
C PRO B 39 -22.89 8.23 12.27
N THR B 40 -23.31 7.07 12.77
CA THR B 40 -23.38 5.85 11.98
C THR B 40 -24.81 5.39 11.72
N GLU B 41 -25.79 6.28 11.88
CA GLU B 41 -27.18 5.88 11.67
C GLU B 41 -27.42 5.48 10.22
N GLY B 42 -26.86 6.22 9.28
CA GLY B 42 -27.02 5.92 7.87
C GLY B 42 -26.00 4.96 7.30
N ASP B 43 -25.25 4.25 8.14
CA ASP B 43 -24.21 3.35 7.67
C ASP B 43 -24.80 1.98 7.32
N ASP B 44 -24.12 1.30 6.39
CA ASP B 44 -24.48 -0.06 6.02
C ASP B 44 -23.76 -1.03 6.94
N SER B 45 -24.53 -1.89 7.62
CA SER B 45 -23.93 -2.81 8.57
C SER B 45 -22.94 -3.76 7.90
N SER B 46 -23.15 -4.08 6.62
CA SER B 46 -22.33 -5.07 5.95
C SER B 46 -21.00 -4.51 5.45
N LYS B 47 -20.91 -3.19 5.23
CA LYS B 47 -19.73 -2.60 4.64
C LYS B 47 -19.13 -1.46 5.45
N SER B 48 -19.65 -1.16 6.63
CA SER B 48 -19.19 -0.03 7.43
C SER B 48 -18.18 -0.52 8.47
N VAL B 49 -16.94 -0.07 8.33
CA VAL B 49 -15.90 -0.35 9.32
C VAL B 49 -16.17 0.47 10.58
N PRO B 50 -16.51 1.76 10.47
CA PRO B 50 -16.80 2.53 11.69
C PRO B 50 -17.88 1.91 12.55
N LEU B 51 -19.00 1.50 11.94
CA LEU B 51 -20.05 0.85 12.71
C LEU B 51 -19.55 -0.45 13.33
N ALA B 52 -18.81 -1.25 12.56
CA ALA B 52 -18.27 -2.49 13.11
C ALA B 52 -17.35 -2.21 14.29
N LEU B 53 -16.53 -1.17 14.19
CA LEU B 53 -15.66 -0.82 15.31
C LEU B 53 -16.47 -0.41 16.53
N GLN B 54 -17.51 0.40 16.32
CA GLN B 54 -18.41 0.74 17.43
C GLN B 54 -19.01 -0.51 18.05
N ARG B 55 -19.36 -1.49 17.23
CA ARG B 55 -19.94 -2.74 17.74
C ARG B 55 -18.94 -3.48 18.63
N VAL B 56 -17.71 -3.63 18.15
CA VAL B 56 -16.69 -4.35 18.92
C VAL B 56 -16.42 -3.63 20.23
N PHE B 57 -16.21 -2.30 20.16
CA PHE B 57 -15.96 -1.53 21.38
C PHE B 57 -17.12 -1.65 22.35
N TYR B 58 -18.35 -1.54 21.85
CA TYR B 58 -19.52 -1.64 22.73
C TYR B 58 -19.56 -2.99 23.43
N GLU B 59 -19.32 -4.07 22.69
CA GLU B 59 -19.38 -5.41 23.29
C GLU B 59 -18.26 -5.61 24.29
N LEU B 60 -17.06 -5.11 23.99
CA LEU B 60 -15.96 -5.20 24.96
C LEU B 60 -16.28 -4.47 26.26
N GLN B 61 -17.19 -3.49 26.21
CA GLN B 61 -17.50 -2.68 27.39
C GLN B 61 -18.66 -3.23 28.19
N HIS B 62 -19.56 -4.02 27.59
CA HIS B 62 -20.75 -4.52 28.27
C HIS B 62 -20.88 -6.04 28.28
N SER B 63 -20.21 -6.75 27.38
CA SER B 63 -20.43 -8.18 27.25
C SER B 63 -19.80 -8.95 28.41
N ASP B 64 -20.42 -10.07 28.75
CA ASP B 64 -19.90 -11.01 29.74
C ASP B 64 -19.22 -12.20 29.11
N LYS B 65 -19.11 -12.24 27.79
CA LYS B 65 -18.54 -13.35 27.04
C LYS B 65 -17.57 -12.83 26.00
N PRO B 66 -16.66 -13.67 25.51
CA PRO B 66 -15.75 -13.24 24.45
C PRO B 66 -16.48 -12.59 23.30
N VAL B 67 -15.91 -11.51 22.78
CA VAL B 67 -16.53 -10.72 21.73
C VAL B 67 -16.02 -11.19 20.38
N GLY B 68 -16.94 -11.29 19.41
CA GLY B 68 -16.57 -11.65 18.06
C GLY B 68 -16.22 -10.46 17.20
N THR B 69 -15.46 -10.73 16.13
CA THR B 69 -15.01 -9.68 15.22
C THR B 69 -15.29 -10.01 13.76
N LYS B 70 -16.22 -10.95 13.51
CA LYS B 70 -16.50 -11.34 12.13
C LYS B 70 -17.07 -10.17 11.33
N LYS B 71 -17.96 -9.39 11.94
CA LYS B 71 -18.53 -8.24 11.22
C LYS B 71 -17.45 -7.23 10.85
N LEU B 72 -16.49 -7.01 11.75
CA LEU B 72 -15.41 -6.08 11.46
C LEU B 72 -14.50 -6.61 10.36
N THR B 73 -14.07 -7.87 10.48
CA THR B 73 -13.23 -8.46 9.46
C THR B 73 -13.94 -8.54 8.12
N LYS B 74 -15.24 -8.87 8.14
CA LYS B 74 -16.01 -8.91 6.89
C LYS B 74 -16.03 -7.56 6.22
N SER B 75 -16.34 -6.51 6.97
CA SER B 75 -16.38 -5.16 6.40
C SER B 75 -14.99 -4.68 6.02
N PHE B 76 -13.96 -5.07 6.77
CA PHE B 76 -12.61 -4.60 6.49
C PHE B 76 -12.08 -5.17 5.18
N GLY B 77 -12.32 -6.47 4.94
CA GLY B 77 -11.94 -7.11 3.69
C GLY B 77 -10.93 -8.22 3.87
N TRP B 78 -10.08 -8.13 4.89
CA TRP B 78 -9.06 -9.14 5.14
C TRP B 78 -9.67 -10.30 5.92
N GLU B 79 -9.89 -11.43 5.24
CA GLU B 79 -10.55 -12.57 5.86
C GLU B 79 -9.74 -13.85 5.69
N THR B 80 -8.44 -13.75 5.47
CA THR B 80 -7.59 -14.93 5.30
C THR B 80 -6.28 -14.72 6.04
N LEU B 81 -5.68 -15.84 6.48
CA LEU B 81 -4.38 -15.77 7.12
C LEU B 81 -3.34 -15.17 6.18
N ASP B 82 -3.43 -15.48 4.89
CA ASP B 82 -2.48 -14.95 3.91
C ASP B 82 -2.58 -13.43 3.83
N SER B 83 -3.79 -12.88 4.00
CA SER B 83 -3.96 -11.43 3.89
C SER B 83 -3.21 -10.70 5.01
N PHE B 84 -3.40 -11.14 6.25
CA PHE B 84 -2.75 -10.47 7.37
C PHE B 84 -1.23 -10.63 7.31
N MET B 85 -0.74 -11.77 6.84
CA MET B 85 0.70 -11.99 6.75
C MET B 85 1.35 -11.10 5.71
N GLN B 86 0.57 -10.51 4.81
CA GLN B 86 1.09 -9.62 3.78
C GLN B 86 1.15 -8.17 4.23
N HIS B 87 0.69 -7.86 5.44
CA HIS B 87 0.66 -6.50 5.95
C HIS B 87 1.23 -6.46 7.36
N ASP B 88 1.90 -5.35 7.66
CA ASP B 88 2.41 -5.12 9.01
C ASP B 88 1.31 -4.55 9.89
N VAL B 89 1.55 -4.59 11.21
CA VAL B 89 0.54 -4.15 12.16
C VAL B 89 0.25 -2.66 12.00
N GLN B 90 1.26 -1.87 11.65
CA GLN B 90 1.05 -0.42 11.55
C GLN B 90 0.11 -0.07 10.40
N GLU B 91 0.12 -0.87 9.32
CA GLU B 91 -0.80 -0.59 8.21
C GLU B 91 -2.24 -0.89 8.62
N LEU B 92 -2.46 -1.98 9.37
CA LEU B 92 -3.80 -2.25 9.87
C LEU B 92 -4.31 -1.11 10.74
N CYS B 93 -3.46 -0.58 11.61
CA CYS B 93 -3.86 0.54 12.45
C CYS B 93 -4.10 1.79 11.63
N ARG B 94 -3.28 2.02 10.59
CA ARG B 94 -3.45 3.19 9.74
C ARG B 94 -4.77 3.14 8.99
N VAL B 95 -5.09 2.00 8.38
CA VAL B 95 -6.32 1.88 7.62
C VAL B 95 -7.53 2.04 8.53
N LEU B 96 -7.47 1.46 9.74
CA LEU B 96 -8.60 1.56 10.66
C LEU B 96 -8.76 2.99 11.17
N LEU B 97 -7.69 3.59 11.67
CA LEU B 97 -7.79 4.93 12.23
C LEU B 97 -8.20 5.94 11.17
N ASP B 98 -7.65 5.82 9.95
CA ASP B 98 -8.01 6.74 8.88
C ASP B 98 -9.49 6.60 8.52
N ASN B 99 -10.01 5.37 8.51
CA ASN B 99 -11.42 5.17 8.20
C ASN B 99 -12.31 5.77 9.29
N VAL B 100 -11.89 5.66 10.55
CA VAL B 100 -12.68 6.24 11.64
C VAL B 100 -12.53 7.76 11.66
N GLU B 101 -11.36 8.28 11.30
CA GLU B 101 -11.18 9.73 11.29
C GLU B 101 -12.06 10.38 10.23
N ASN B 102 -12.15 9.78 9.04
CA ASN B 102 -13.05 10.30 8.02
C ASN B 102 -14.48 10.37 8.55
N LYS B 103 -14.88 9.38 9.34
CA LYS B 103 -16.24 9.34 9.86
C LYS B 103 -16.48 10.46 10.87
N MET B 104 -15.43 10.92 11.56
CA MET B 104 -15.57 11.96 12.57
C MET B 104 -15.60 13.37 11.97
N LYS B 105 -15.40 13.51 10.67
CA LYS B 105 -15.41 14.83 10.06
C LYS B 105 -16.78 15.47 10.21
N GLY B 106 -16.79 16.75 10.56
CA GLY B 106 -18.03 17.46 10.78
C GLY B 106 -18.70 17.18 12.11
N THR B 107 -17.98 16.60 13.05
CA THR B 107 -18.51 16.28 14.38
C THR B 107 -17.65 16.96 15.44
N CYS B 108 -18.13 16.90 16.69
CA CYS B 108 -17.38 17.46 17.81
C CYS B 108 -16.10 16.70 18.08
N VAL B 109 -15.90 15.52 17.46
CA VAL B 109 -14.71 14.71 17.66
C VAL B 109 -13.81 14.72 16.44
N GLU B 110 -14.02 15.65 15.51
CA GLU B 110 -13.21 15.70 14.30
C GLU B 110 -11.75 15.99 14.65
N GLY B 111 -10.84 15.21 14.08
CA GLY B 111 -9.43 15.39 14.33
C GLY B 111 -8.90 14.69 15.58
N THR B 112 -9.67 13.77 16.16
CA THR B 112 -9.19 13.08 17.35
C THR B 112 -7.99 12.18 17.03
N ILE B 113 -8.04 11.48 15.91
CA ILE B 113 -6.98 10.56 15.51
C ILE B 113 -5.67 11.33 15.38
N PRO B 114 -5.61 12.37 14.55
CA PRO B 114 -4.34 13.12 14.42
C PRO B 114 -3.85 13.70 15.74
N LYS B 115 -4.76 14.18 16.58
CA LYS B 115 -4.35 14.75 17.87
C LYS B 115 -3.74 13.69 18.78
N LEU B 116 -4.22 12.46 18.70
CA LEU B 116 -3.75 11.41 19.60
C LEU B 116 -2.54 10.64 19.07
N PHE B 117 -2.45 10.45 17.76
CA PHE B 117 -1.44 9.56 17.19
C PHE B 117 -0.48 10.23 16.21
N ARG B 118 -0.75 11.45 15.77
CA ARG B 118 0.01 12.06 14.69
C ARG B 118 1.17 12.87 15.24
N GLY B 119 2.37 12.56 14.73
CA GLY B 119 3.55 13.35 15.02
C GLY B 119 4.21 13.79 13.71
N LYS B 120 5.12 14.75 13.84
CA LYS B 120 5.80 15.31 12.67
C LYS B 120 7.31 15.11 12.80
N MET B 121 7.95 14.87 11.67
CA MET B 121 9.39 14.68 11.60
C MET B 121 9.92 15.34 10.34
N VAL B 122 11.21 15.66 10.34
CA VAL B 122 11.88 16.29 9.22
C VAL B 122 13.16 15.52 8.92
N SER B 123 13.42 15.27 7.64
CA SER B 123 14.58 14.52 7.20
C SER B 123 15.23 15.23 6.03
N TYR B 124 16.51 14.92 5.82
CA TYR B 124 17.28 15.49 4.71
C TYR B 124 18.15 14.40 4.11
N ILE B 125 18.43 14.55 2.82
CA ILE B 125 19.36 13.68 2.10
C ILE B 125 20.29 14.57 1.30
N GLN B 126 21.58 14.51 1.62
CA GLN B 126 22.60 15.36 1.02
C GLN B 126 23.58 14.50 0.25
N CYS B 127 23.75 14.77 -1.04
CA CYS B 127 24.72 14.06 -1.85
C CYS B 127 26.12 14.56 -1.54
N LYS B 128 27.08 13.64 -1.55
CA LYS B 128 28.45 13.98 -1.17
C LYS B 128 29.21 14.63 -2.32
N GLU B 129 29.02 14.13 -3.54
CA GLU B 129 29.78 14.58 -4.71
C GLU B 129 28.95 15.40 -5.70
N VAL B 130 27.68 15.67 -5.38
CA VAL B 130 26.81 16.41 -6.28
C VAL B 130 26.05 17.46 -5.48
N ASP B 131 25.80 18.61 -6.11
CA ASP B 131 25.05 19.69 -5.50
C ASP B 131 23.54 19.39 -5.56
N TYR B 132 23.19 18.26 -4.96
CA TYR B 132 21.80 17.81 -4.90
C TYR B 132 21.46 17.52 -3.43
N ARG B 133 20.47 18.23 -2.90
CA ARG B 133 20.06 18.10 -1.52
C ARG B 133 18.55 18.26 -1.43
N SER B 134 17.90 17.35 -0.70
CA SER B 134 16.45 17.32 -0.62
C SER B 134 16.02 17.32 0.84
N ASP B 135 15.20 18.29 1.21
CA ASP B 135 14.64 18.40 2.56
C ASP B 135 13.14 18.11 2.50
N ARG B 136 12.65 17.37 3.49
CA ARG B 136 11.27 16.90 3.47
C ARG B 136 10.68 16.94 4.87
N ARG B 137 9.40 17.30 4.95
CA ARG B 137 8.61 17.20 6.15
C ARG B 137 7.57 16.09 5.97
N GLU B 138 7.24 15.41 7.08
CA GLU B 138 6.41 14.22 6.98
C GLU B 138 5.62 14.03 8.26
N ASP B 139 4.38 13.56 8.11
CA ASP B 139 3.55 13.17 9.24
C ASP B 139 3.67 11.66 9.45
N TYR B 140 3.80 11.26 10.71
CA TYR B 140 3.92 9.86 11.07
C TYR B 140 2.94 9.53 12.20
N TYR B 141 2.30 8.37 12.09
CA TYR B 141 1.44 7.85 13.13
C TYR B 141 2.05 6.64 13.83
N ASP B 142 3.27 6.24 13.44
CA ASP B 142 3.94 5.09 14.02
C ASP B 142 5.42 5.18 13.68
N ILE B 143 6.24 4.45 14.43
CA ILE B 143 7.69 4.47 14.26
C ILE B 143 8.18 3.03 14.22
N GLN B 144 8.94 2.68 13.18
CA GLN B 144 9.62 1.40 13.10
C GLN B 144 11.03 1.54 13.66
N LEU B 145 11.31 0.82 14.74
CA LEU B 145 12.62 0.87 15.38
C LEU B 145 13.41 -0.39 15.06
N SER B 146 14.68 -0.21 14.74
CA SER B 146 15.56 -1.33 14.45
C SER B 146 16.09 -1.93 15.75
N ILE B 147 16.04 -3.25 15.85
CA ILE B 147 16.50 -3.95 17.05
C ILE B 147 17.77 -4.75 16.81
N LYS B 148 18.07 -5.14 15.57
CA LYS B 148 19.27 -5.91 15.29
C LYS B 148 20.50 -5.16 15.75
N GLY B 149 21.23 -5.75 16.71
CA GLY B 149 22.40 -5.11 17.28
C GLY B 149 22.11 -3.97 18.23
N LYS B 150 20.84 -3.71 18.55
CA LYS B 150 20.46 -2.65 19.47
C LYS B 150 20.14 -3.24 20.83
N LYS B 151 20.76 -2.67 21.87
CA LYS B 151 20.57 -3.21 23.22
C LYS B 151 19.17 -2.90 23.75
N ASN B 152 18.76 -1.63 23.68
CA ASN B 152 17.51 -1.19 24.27
C ASN B 152 16.84 -0.19 23.34
N ILE B 153 15.70 0.35 23.80
CA ILE B 153 14.97 1.34 23.01
C ILE B 153 15.79 2.62 22.87
N PHE B 154 16.62 2.93 23.87
CA PHE B 154 17.45 4.12 23.79
C PHE B 154 18.40 4.05 22.61
N GLU B 155 19.14 2.94 22.48
CA GLU B 155 20.03 2.78 21.33
C GLU B 155 19.25 2.77 20.02
N SER B 156 18.04 2.23 20.02
CA SER B 156 17.24 2.19 18.79
C SER B 156 16.89 3.59 18.32
N PHE B 157 16.52 4.47 19.26
CA PHE B 157 16.24 5.86 18.89
C PHE B 157 17.51 6.57 18.44
N VAL B 158 18.63 6.32 19.12
CA VAL B 158 19.90 6.91 18.69
C VAL B 158 20.22 6.52 17.27
N ASP B 159 20.02 5.24 16.93
CA ASP B 159 20.23 4.80 15.56
C ASP B 159 19.21 5.42 14.60
N TYR B 160 18.00 5.71 15.08
CA TYR B 160 16.98 6.26 14.23
C TYR B 160 17.35 7.66 13.74
N VAL B 161 17.85 8.51 14.64
CA VAL B 161 18.21 9.87 14.27
C VAL B 161 19.67 10.01 13.86
N ALA B 162 20.44 8.91 13.86
CA ALA B 162 21.83 8.98 13.45
C ALA B 162 21.95 9.18 11.95
N VAL B 163 22.99 9.91 11.54
CA VAL B 163 23.23 10.15 10.13
C VAL B 163 23.73 8.85 9.50
N GLU B 164 22.98 8.33 8.53
CA GLU B 164 23.31 7.08 7.87
C GLU B 164 23.93 7.37 6.50
N GLN B 165 25.10 6.80 6.25
CA GLN B 165 25.74 6.94 4.96
C GLN B 165 25.01 6.12 3.90
N LEU B 166 24.71 6.76 2.77
CA LEU B 166 24.08 6.07 1.65
C LEU B 166 25.16 5.76 0.61
N ASP B 167 25.92 4.70 0.88
CA ASP B 167 26.97 4.23 0.00
C ASP B 167 26.77 2.74 -0.26
N GLY B 168 27.31 2.27 -1.37
CA GLY B 168 27.02 0.92 -1.86
C GLY B 168 25.86 0.92 -2.85
N ASP B 169 24.73 0.37 -2.45
CA ASP B 169 23.50 0.54 -3.22
C ASP B 169 22.24 -0.05 -2.57
N ASN B 170 21.67 0.59 -1.54
CA ASN B 170 22.22 1.69 -0.72
C ASN B 170 22.35 3.08 -1.36
N LYS B 171 22.91 3.19 -2.55
CA LYS B 171 23.12 4.50 -3.15
C LYS B 171 21.80 5.22 -3.38
N TYR B 172 21.80 6.53 -3.11
CA TYR B 172 20.59 7.32 -3.19
C TYR B 172 20.30 7.71 -4.65
N ASP B 173 19.04 7.52 -5.07
CA ASP B 173 18.61 7.87 -6.42
C ASP B 173 18.30 9.35 -6.47
N ALA B 174 19.32 10.15 -6.76
CA ALA B 174 19.21 11.61 -6.77
C ALA B 174 18.68 12.13 -8.09
N GLY B 175 17.58 11.55 -8.55
CA GLY B 175 16.93 11.99 -9.78
C GLY B 175 17.86 12.07 -10.97
N GLU B 176 18.17 13.29 -11.42
CA GLU B 176 19.04 13.45 -12.58
C GLU B 176 20.46 12.98 -12.29
N HIS B 177 20.93 13.14 -11.05
CA HIS B 177 22.30 12.77 -10.70
C HIS B 177 22.39 11.32 -10.22
N GLY B 178 21.65 10.98 -9.18
CA GLY B 178 21.66 9.63 -8.64
C GLY B 178 21.57 8.57 -9.72
N LEU B 179 22.00 7.35 -9.44
CA LEU B 179 22.49 6.94 -8.11
C LEU B 179 23.71 7.74 -7.65
N GLN B 180 23.69 8.14 -6.38
CA GLN B 180 24.73 8.98 -5.82
C GLN B 180 24.95 8.60 -4.36
N GLU B 181 26.20 8.66 -3.93
CA GLU B 181 26.52 8.49 -2.52
C GLU B 181 26.06 9.71 -1.75
N ALA B 182 25.34 9.50 -0.65
CA ALA B 182 24.78 10.60 0.11
C ALA B 182 24.67 10.20 1.58
N GLU B 183 24.36 11.19 2.41
CA GLU B 183 24.12 10.99 3.83
C GLU B 183 22.69 11.41 4.16
N LYS B 184 21.99 10.58 4.92
CA LYS B 184 20.61 10.84 5.29
C LYS B 184 20.49 11.12 6.78
N GLY B 185 19.71 12.14 7.12
CA GLY B 185 19.46 12.48 8.51
C GLY B 185 18.00 12.74 8.80
N VAL B 186 17.51 12.21 9.92
CA VAL B 186 16.13 12.38 10.32
C VAL B 186 16.08 12.88 11.75
N LYS B 187 15.06 13.70 12.04
CA LYS B 187 14.92 14.30 13.36
C LYS B 187 13.44 14.48 13.66
N PHE B 188 13.11 14.50 14.95
CA PHE B 188 11.73 14.55 15.40
C PHE B 188 11.35 15.98 15.76
N LEU B 189 10.36 16.53 15.05
CA LEU B 189 9.82 17.83 15.41
C LEU B 189 8.92 17.73 16.64
N THR B 190 8.05 16.71 16.67
CA THR B 190 7.14 16.52 17.79
C THR B 190 6.92 15.04 18.01
N LEU B 191 6.38 14.71 19.18
CA LEU B 191 5.96 13.36 19.53
C LEU B 191 4.50 13.35 19.93
N PRO B 192 3.72 12.38 19.45
CA PRO B 192 2.28 12.40 19.69
C PRO B 192 1.95 11.99 21.12
N PRO B 193 0.76 12.34 21.62
CA PRO B 193 0.38 11.87 22.96
C PRO B 193 0.44 10.36 23.11
N VAL B 194 -0.05 9.62 22.11
CA VAL B 194 0.02 8.16 22.09
C VAL B 194 1.07 7.76 21.06
N LEU B 195 2.12 7.09 21.50
CA LEU B 195 3.26 6.74 20.67
C LEU B 195 3.22 5.23 20.38
N HIS B 196 3.05 4.89 19.10
CA HIS B 196 3.06 3.49 18.66
C HIS B 196 4.45 3.16 18.12
N LEU B 197 5.09 2.17 18.72
CA LEU B 197 6.44 1.76 18.35
C LEU B 197 6.41 0.30 17.90
N GLN B 198 6.77 0.07 16.64
CA GLN B 198 6.92 -1.28 16.11
C GLN B 198 8.37 -1.69 16.14
N LEU B 199 8.65 -2.90 16.60
CA LEU B 199 10.00 -3.44 16.67
C LEU B 199 10.23 -4.36 15.48
N MET B 200 11.29 -4.08 14.71
CA MET B 200 11.56 -4.80 13.47
C MET B 200 12.18 -6.15 13.78
N ARG B 201 11.31 -7.09 14.19
CA ARG B 201 11.74 -8.46 14.43
C ARG B 201 11.52 -9.37 13.22
N PHE B 202 10.65 -8.97 12.29
CA PHE B 202 10.36 -9.77 11.10
C PHE B 202 11.19 -9.21 9.95
N MET B 203 12.31 -9.89 9.65
CA MET B 203 13.22 -9.47 8.59
C MET B 203 13.35 -10.57 7.55
N TYR B 204 13.63 -10.18 6.31
CA TYR B 204 13.82 -11.14 5.24
C TYR B 204 15.25 -11.66 5.27
N ASP B 205 15.39 -12.99 5.38
CA ASP B 205 16.69 -13.62 5.28
C ASP B 205 16.94 -13.96 3.81
N PRO B 206 17.90 -13.31 3.14
CA PRO B 206 18.12 -13.59 1.72
C PRO B 206 18.97 -14.82 1.47
N GLN B 207 18.32 -15.95 1.21
CA GLN B 207 18.99 -17.18 0.83
C GLN B 207 20.21 -17.54 1.68
N THR B 208 20.01 -18.00 2.92
CA THR B 208 18.72 -18.09 3.60
C THR B 208 17.59 -18.74 2.80
N ASP B 209 16.44 -18.05 2.74
CA ASP B 209 15.29 -18.55 1.99
C ASP B 209 14.11 -17.60 2.10
N GLN B 210 13.58 -17.42 3.31
CA GLN B 210 12.39 -16.61 3.54
C GLN B 210 12.58 -15.76 4.78
N ASN B 211 11.55 -15.00 5.12
CA ASN B 211 11.60 -14.13 6.29
C ASN B 211 11.83 -14.94 7.55
N ILE B 212 12.65 -14.40 8.45
CA ILE B 212 12.98 -15.06 9.71
C ILE B 212 12.71 -14.07 10.85
N LYS B 213 12.24 -14.60 11.97
CA LYS B 213 11.96 -13.78 13.15
C LYS B 213 13.23 -13.61 13.97
N ILE B 214 13.42 -12.39 14.48
CA ILE B 214 14.57 -12.06 15.32
C ILE B 214 14.11 -12.14 16.77
N ASN B 215 14.63 -13.13 17.50
CA ASN B 215 14.32 -13.31 18.91
C ASN B 215 15.41 -12.75 19.82
N ASP B 216 16.27 -11.89 19.30
CA ASP B 216 17.34 -11.30 20.10
C ASP B 216 16.75 -10.47 21.23
N ARG B 217 17.56 -10.28 22.27
CA ARG B 217 17.13 -9.55 23.45
C ARG B 217 17.08 -8.05 23.15
N PHE B 218 15.93 -7.43 23.41
CA PHE B 218 15.74 -6.00 23.23
C PHE B 218 14.94 -5.48 24.40
N GLU B 219 15.51 -4.53 25.14
CA GLU B 219 14.94 -4.04 26.39
C GLU B 219 14.25 -2.69 26.18
N PHE B 220 13.08 -2.54 26.79
CA PHE B 220 12.32 -1.31 26.75
C PHE B 220 11.90 -0.92 28.18
N PRO B 221 11.95 0.36 28.51
CA PRO B 221 11.67 0.79 29.89
C PRO B 221 10.19 1.05 30.14
N GLU B 222 9.85 1.10 31.43
CA GLU B 222 8.50 1.47 31.83
C GLU B 222 8.26 2.96 31.61
N GLN B 223 9.28 3.78 31.88
CA GLN B 223 9.23 5.22 31.66
C GLN B 223 10.24 5.57 30.57
N LEU B 224 9.77 6.22 29.51
CA LEU B 224 10.60 6.51 28.34
C LEU B 224 10.73 8.00 28.12
N PRO B 225 11.86 8.61 28.46
CA PRO B 225 12.08 10.03 28.13
C PRO B 225 12.70 10.20 26.75
N LEU B 226 12.07 11.00 25.89
CA LEU B 226 12.50 11.17 24.51
C LEU B 226 12.78 12.64 24.18
N ASP B 227 13.16 13.43 25.19
CA ASP B 227 13.32 14.87 24.98
C ASP B 227 14.57 15.18 24.15
N GLU B 228 15.67 14.46 24.40
CA GLU B 228 16.90 14.73 23.67
C GLU B 228 16.79 14.37 22.20
N PHE B 229 15.79 13.58 21.81
CA PHE B 229 15.57 13.22 20.42
C PHE B 229 14.72 14.24 19.67
N LEU B 230 14.21 15.25 20.36
CA LEU B 230 13.45 16.32 19.72
C LEU B 230 14.37 17.45 19.30
N GLN B 231 13.93 18.22 18.30
CA GLN B 231 14.71 19.37 17.86
C GLN B 231 14.58 20.54 18.82
N LYS B 232 13.39 20.74 19.39
CA LYS B 232 13.16 21.77 20.39
C LYS B 232 12.53 21.14 21.62
N THR B 233 13.13 21.40 22.77
CA THR B 233 12.62 20.94 24.06
C THR B 233 12.02 22.13 24.81
N ASP B 234 10.80 21.95 25.31
CA ASP B 234 10.13 22.99 26.06
C ASP B 234 9.76 22.48 27.45
N PRO B 235 9.98 23.27 28.49
CA PRO B 235 9.56 22.85 29.84
C PRO B 235 8.06 22.59 29.93
N LYS B 236 7.56 22.41 31.15
CA LYS B 236 6.14 22.16 31.42
C LYS B 236 5.52 21.08 30.54
N ASP B 237 6.27 20.56 29.58
CA ASP B 237 5.80 19.45 28.76
C ASP B 237 6.97 18.65 28.19
N PRO B 238 7.86 18.13 29.04
CA PRO B 238 8.95 17.29 28.53
C PRO B 238 8.40 15.99 27.95
N ALA B 239 9.20 15.39 27.06
CA ALA B 239 8.79 14.19 26.34
C ALA B 239 9.04 12.95 27.21
N ASN B 240 8.25 12.85 28.29
CA ASN B 240 8.27 11.70 29.17
C ASN B 240 7.05 10.83 28.88
N TYR B 241 7.28 9.55 28.64
CA TYR B 241 6.22 8.63 28.26
C TYR B 241 6.16 7.45 29.24
N ILE B 242 4.97 6.88 29.36
CA ILE B 242 4.70 5.75 30.24
C ILE B 242 4.22 4.59 29.40
N LEU B 243 4.85 3.43 29.55
CA LEU B 243 4.44 2.26 28.79
C LEU B 243 3.00 1.89 29.12
N HIS B 244 2.16 1.80 28.09
CA HIS B 244 0.75 1.46 28.25
C HIS B 244 0.41 0.04 27.84
N ALA B 245 1.12 -0.54 26.88
CA ALA B 245 0.81 -1.89 26.44
C ALA B 245 1.99 -2.47 25.69
N VAL B 246 2.05 -3.80 25.65
CA VAL B 246 3.12 -4.54 25.01
C VAL B 246 2.48 -5.65 24.18
N LEU B 247 2.56 -5.54 22.85
CA LEU B 247 2.08 -6.57 21.97
C LEU B 247 3.18 -7.60 21.75
N VAL B 248 2.85 -8.88 21.93
CA VAL B 248 3.84 -9.95 21.91
C VAL B 248 3.37 -11.04 20.95
N HIS B 249 4.35 -11.78 20.43
CA HIS B 249 4.08 -12.89 19.52
C HIS B 249 4.94 -14.08 19.92
N SER B 250 4.32 -15.26 19.99
CA SER B 250 5.02 -16.51 20.22
C SER B 250 4.84 -17.40 18.99
N GLY B 251 5.63 -18.48 18.94
CA GLY B 251 5.66 -19.27 17.72
C GLY B 251 6.60 -18.65 16.69
N ASP B 252 6.23 -18.78 15.41
CA ASP B 252 7.09 -18.28 14.35
C ASP B 252 6.33 -18.23 13.04
N ASN B 253 6.63 -17.21 12.24
CA ASN B 253 6.14 -17.11 10.86
C ASN B 253 4.63 -17.07 10.70
N HIS B 254 4.18 -17.81 9.70
CA HIS B 254 2.75 -17.84 9.39
C HIS B 254 1.92 -18.22 10.61
N GLY B 255 2.20 -19.37 11.22
CA GLY B 255 1.47 -19.81 12.39
C GLY B 255 2.06 -19.31 13.68
N GLY B 256 1.32 -18.45 14.39
CA GLY B 256 1.84 -17.86 15.62
C GLY B 256 0.75 -17.61 16.63
N HIS B 257 1.19 -17.39 17.87
CA HIS B 257 0.32 -17.09 19.00
C HIS B 257 0.51 -15.63 19.38
N TYR B 258 -0.58 -14.87 19.39
CA TYR B 258 -0.55 -13.44 19.64
C TYR B 258 -1.16 -13.13 21.00
N VAL B 259 -0.48 -12.26 21.76
CA VAL B 259 -0.94 -11.84 23.06
C VAL B 259 -0.53 -10.39 23.27
N VAL B 260 -1.31 -9.66 24.07
CA VAL B 260 -1.07 -8.26 24.35
C VAL B 260 -1.18 -8.03 25.86
N TYR B 261 -0.19 -7.36 26.43
CA TYR B 261 -0.20 -6.99 27.84
C TYR B 261 -0.54 -5.51 27.96
N LEU B 262 -1.46 -5.18 28.86
CA LEU B 262 -1.91 -3.81 29.03
C LEU B 262 -2.14 -3.49 30.50
N ASN B 263 -1.73 -2.29 30.90
CA ASN B 263 -2.19 -1.71 32.16
C ASN B 263 -3.17 -0.60 31.80
N PRO B 264 -4.45 -0.96 31.55
CA PRO B 264 -5.38 0.02 30.95
C PRO B 264 -5.46 1.34 31.68
N LYS B 265 -5.43 1.33 33.02
CA LYS B 265 -5.56 2.55 33.79
C LYS B 265 -4.26 3.35 33.85
N GLY B 266 -3.18 2.85 33.29
CA GLY B 266 -1.90 3.52 33.40
C GLY B 266 -1.34 3.57 34.80
N ASP B 267 -1.86 2.76 35.71
CA ASP B 267 -1.43 2.75 37.11
C ASP B 267 -0.41 1.65 37.40
N GLY B 268 -0.01 0.87 36.41
CA GLY B 268 0.94 -0.20 36.61
C GLY B 268 0.33 -1.55 36.92
N LYS B 269 -0.99 -1.66 36.94
CA LYS B 269 -1.67 -2.93 37.20
C LYS B 269 -1.90 -3.61 35.85
N TRP B 270 -1.01 -4.53 35.50
CA TRP B 270 -1.01 -5.14 34.18
C TRP B 270 -1.96 -6.33 34.11
N CYS B 271 -2.44 -6.60 32.90
CA CYS B 271 -3.27 -7.75 32.62
C CYS B 271 -2.86 -8.35 31.29
N LYS B 272 -3.09 -9.65 31.13
CA LYS B 272 -2.71 -10.39 29.94
C LYS B 272 -3.97 -10.73 29.15
N PHE B 273 -4.04 -10.23 27.92
CA PHE B 273 -5.18 -10.47 27.03
C PHE B 273 -4.74 -11.50 25.99
N ASP B 274 -5.27 -12.72 26.13
CA ASP B 274 -4.95 -13.83 25.24
C ASP B 274 -6.23 -14.29 24.56
N ASP B 275 -6.77 -13.44 23.69
CA ASP B 275 -8.04 -13.71 22.99
C ASP B 275 -9.14 -13.78 24.05
N ASP B 276 -9.83 -14.90 24.22
CA ASP B 276 -10.93 -14.98 25.16
C ASP B 276 -10.47 -15.08 26.61
N VAL B 277 -9.19 -15.31 26.86
CA VAL B 277 -8.66 -15.49 28.21
C VAL B 277 -7.92 -14.22 28.61
N VAL B 278 -8.43 -13.56 29.64
CA VAL B 278 -7.80 -12.37 30.21
C VAL B 278 -7.51 -12.66 31.68
N SER B 279 -6.29 -12.37 32.12
CA SER B 279 -5.89 -12.63 33.49
C SER B 279 -4.87 -11.59 33.92
N ARG B 280 -4.87 -11.28 35.22
CA ARG B 280 -3.89 -10.35 35.76
C ARG B 280 -2.49 -10.96 35.72
N CYS B 281 -1.49 -10.10 35.65
CA CYS B 281 -0.10 -10.53 35.60
C CYS B 281 0.77 -9.48 36.26
N THR B 282 2.02 -9.84 36.47
CA THR B 282 3.00 -8.95 37.09
C THR B 282 3.67 -8.09 36.03
N LYS B 283 4.22 -6.96 36.48
CA LYS B 283 4.94 -6.08 35.57
C LYS B 283 6.05 -6.83 34.84
N GLU B 284 6.73 -7.74 35.55
CA GLU B 284 7.86 -8.46 34.96
C GLU B 284 7.42 -9.31 33.78
N GLU B 285 6.28 -10.00 33.90
CA GLU B 285 5.79 -10.81 32.79
C GLU B 285 5.46 -9.95 31.59
N ALA B 286 4.97 -8.72 31.81
CA ALA B 286 4.60 -7.86 30.70
C ALA B 286 5.82 -7.19 30.06
N ILE B 287 6.86 -6.91 30.84
CA ILE B 287 8.00 -6.14 30.36
C ILE B 287 9.22 -7.03 30.20
N GLU B 288 9.87 -7.37 31.32
CA GLU B 288 11.13 -8.09 31.25
C GLU B 288 10.98 -9.43 30.52
N HIS B 289 9.89 -10.15 30.78
CA HIS B 289 9.69 -11.45 30.13
C HIS B 289 9.38 -11.33 28.65
N ASN B 290 9.35 -10.11 28.10
CA ASN B 290 9.14 -9.90 26.66
C ASN B 290 10.35 -9.27 25.99
N TYR B 291 11.46 -9.13 26.70
CA TYR B 291 12.65 -8.53 26.10
C TYR B 291 13.22 -9.39 24.98
N GLY B 292 12.97 -10.69 25.02
CA GLY B 292 13.52 -11.60 24.05
C GLY B 292 14.48 -12.57 24.72
N GLY B 293 14.40 -13.83 24.33
CA GLY B 293 15.21 -14.88 24.94
C GLY B 293 16.70 -14.63 24.86
N HIS B 294 17.48 -15.57 25.35
CA HIS B 294 18.93 -15.41 25.41
C HIS B 294 19.64 -16.75 25.49
N HIS B 302 13.99 -16.06 22.55
CA HIS B 302 13.29 -17.32 22.71
C HIS B 302 12.12 -17.41 21.75
N CYS B 303 10.89 -17.30 22.28
CA CYS B 303 9.70 -17.44 21.44
C CYS B 303 8.67 -16.36 21.70
N THR B 304 8.62 -15.83 22.92
CA THR B 304 7.61 -14.85 23.32
C THR B 304 8.31 -13.53 23.65
N ASN B 305 8.26 -12.58 22.71
CA ASN B 305 8.86 -11.27 22.89
C ASN B 305 7.97 -10.23 22.22
N ALA B 306 8.22 -8.96 22.55
CA ALA B 306 7.37 -7.87 22.08
C ALA B 306 7.76 -7.47 20.65
N TYR B 307 6.74 -7.15 19.86
CA TYR B 307 6.94 -6.61 18.51
C TYR B 307 6.34 -5.21 18.35
N MET B 308 5.65 -4.70 19.36
CA MET B 308 5.09 -3.35 19.30
C MET B 308 4.80 -2.87 20.72
N LEU B 309 5.11 -1.60 20.96
CA LEU B 309 4.87 -0.97 22.26
C LEU B 309 3.98 0.25 22.08
N VAL B 310 3.24 0.58 23.13
CA VAL B 310 2.34 1.72 23.13
C VAL B 310 2.67 2.56 24.37
N TYR B 311 3.27 3.73 24.15
CA TYR B 311 3.56 4.68 25.21
C TYR B 311 2.59 5.85 25.14
N ILE B 312 2.35 6.46 26.29
CA ILE B 312 1.46 7.61 26.40
C ILE B 312 2.21 8.74 27.09
N ARG B 313 2.13 9.94 26.53
CA ARG B 313 2.78 11.10 27.15
C ARG B 313 2.24 11.29 28.56
N GLU B 314 3.15 11.50 29.50
CA GLU B 314 2.74 11.56 30.91
C GLU B 314 1.80 12.72 31.18
N SER B 315 2.01 13.85 30.50
CA SER B 315 1.12 14.99 30.70
C SER B 315 -0.28 14.70 30.17
N LYS B 316 -0.40 13.84 29.16
CA LYS B 316 -1.68 13.50 28.55
C LYS B 316 -2.29 12.23 29.14
N LEU B 317 -1.68 11.65 30.17
CA LEU B 317 -2.13 10.35 30.66
C LEU B 317 -3.58 10.42 31.14
N SER B 318 -3.87 11.34 32.06
CA SER B 318 -5.23 11.43 32.61
C SER B 318 -6.25 11.70 31.51
N GLU B 319 -5.89 12.52 30.53
CA GLU B 319 -6.83 12.86 29.46
C GLU B 319 -7.04 11.68 28.51
N VAL B 320 -5.95 11.01 28.12
CA VAL B 320 -6.07 9.91 27.16
C VAL B 320 -6.82 8.73 27.79
N LEU B 321 -6.55 8.45 29.07
CA LEU B 321 -7.17 7.34 29.78
C LEU B 321 -8.37 7.78 30.60
N GLN B 322 -9.11 8.80 30.13
CA GLN B 322 -10.29 9.25 30.83
C GLN B 322 -11.32 8.14 30.94
N ALA B 323 -12.04 8.13 32.07
CA ALA B 323 -13.03 7.10 32.30
C ALA B 323 -14.14 7.15 31.26
N VAL B 324 -14.65 5.98 30.90
CA VAL B 324 -15.72 5.85 29.91
C VAL B 324 -16.92 5.18 30.59
N THR B 325 -18.10 5.76 30.39
CA THR B 325 -19.32 5.25 31.00
C THR B 325 -20.38 5.06 29.92
N ASP B 326 -21.48 4.40 30.30
CA ASP B 326 -22.57 4.18 29.35
C ASP B 326 -23.12 5.49 28.82
N HIS B 327 -23.04 6.57 29.60
CA HIS B 327 -23.51 7.87 29.13
C HIS B 327 -22.67 8.41 27.98
N ASP B 328 -21.53 7.80 27.69
CA ASP B 328 -20.73 8.19 26.53
C ASP B 328 -21.23 7.57 25.23
N ILE B 329 -22.20 6.68 25.29
CA ILE B 329 -22.72 5.97 24.13
C ILE B 329 -24.08 6.57 23.77
N PRO B 330 -24.22 7.23 22.62
CA PRO B 330 -25.53 7.73 22.22
C PRO B 330 -26.57 6.62 22.18
N GLN B 331 -27.81 6.97 22.50
CA GLN B 331 -28.86 5.97 22.64
C GLN B 331 -29.14 5.27 21.33
N GLN B 332 -29.21 6.01 20.22
CA GLN B 332 -29.49 5.39 18.94
C GLN B 332 -28.47 4.31 18.60
N LEU B 333 -27.20 4.54 18.96
CA LEU B 333 -26.18 3.51 18.79
C LEU B 333 -26.52 2.28 19.63
N VAL B 334 -26.84 2.50 20.91
CA VAL B 334 -27.16 1.38 21.80
C VAL B 334 -28.37 0.62 21.27
N GLU B 335 -29.43 1.35 20.89
CA GLU B 335 -30.64 0.70 20.42
C GLU B 335 -30.38 -0.12 19.16
N ARG B 336 -29.59 0.43 18.24
CA ARG B 336 -29.30 -0.30 17.00
C ARG B 336 -28.56 -1.60 17.30
N LEU B 337 -27.50 -1.53 18.11
CA LEU B 337 -26.75 -2.74 18.44
C LEU B 337 -27.64 -3.73 19.20
N GLN B 338 -28.49 -3.24 20.10
CA GLN B 338 -29.41 -4.12 20.79
C GLN B 338 -30.41 -4.75 19.84
N GLU B 339 -30.78 -4.04 18.76
CA GLU B 339 -31.67 -4.62 17.77
C GLU B 339 -31.00 -5.78 17.03
N GLU B 340 -29.74 -5.59 16.63
CA GLU B 340 -29.04 -6.63 15.89
C GLU B 340 -28.91 -7.91 16.71
N LYS B 341 -28.72 -7.78 18.02
CA LYS B 341 -28.57 -8.95 18.88
C LYS B 341 -29.87 -9.73 18.97
#